data_7Z75
#
_entry.id   7Z75
#
_cell.length_a   56.064
_cell.length_b   134.412
_cell.length_c   152.679
_cell.angle_alpha   90.000
_cell.angle_beta   90.000
_cell.angle_gamma   90.000
#
_symmetry.space_group_name_H-M   'P 21 21 21'
#
loop_
_entity.id
_entity.type
_entity.pdbx_description
1 polymer 'Phosphatidylinositol 4-phosphate 3-kinase C2 domain-containing subunit alpha'
2 non-polymer ~{N}-[4-[3-(methylsulfonylamino)phenyl]-1,3-thiazol-2-yl]-2-[4-oxidanylidene-3-(2-phenylethyl)pteridin-2-yl]sulfanyl-ethanamide
3 non-polymer 1,2-ETHANEDIOL
4 non-polymer 'SULFATE ION'
5 water water
#
_entity_poly.entity_id   1
_entity_poly.type   'polypeptide(L)'
_entity_poly.pdbx_seq_one_letter_code
;GAVQNDEVAAFCQSIMKLKTKFPYTDHCTNPGYLLSPVTVQRNMCGENASVKVSIEIEGLQLPVTFTCDVSSTVEIIIMQ
ALCWVHDDLNQVDVGSYILKVCGQEEVLQNNHCLGSHEHIQNCRKWDTEIKLQLLTLSAMCQNLARTAEDDEAPVDLNGS
GSVMTRHSAGAGSGASTGCPRGSRNIKEAWTATEQLQFTVYAAHGISSNWVSNYEKYYLICSLSHNGKDLFKPIQSKKVG
TYKNAAYLIKWDELIIFPIQISQLPLESVLHLTLFGVLNQSSGSSPDSNKQRKGPEALGKVSLTLFDFKRFLTCGTKLAY
LWTSSHTNSIPGAIPKKSYVMERIVLQVDFPSPAFDIIYTSPQIDRNIIQQDKLETLESDIKGKLLDIIHRDSSFGLSKE
DKVFLWENRYYCLKHPNCLPKILASAPNWKWANLAKTYSLLHQWPPLCPLAALELLDAKFADQEVRSLAVSWMEAISDDE
LADLLPQFVQALKYEIYLNSSLVRFLLSRALGNIQIAHSLYWLLKDALHDTHFGSRYEHVLGALLSVGGKGLREELSKQM
KLVQLLGGVAEKVRQASGSTRQVVLQKSMERVQSFFLRNKCRLPLKPSLVAKELNIKSCSFFSSNAMPLKVTMVNADPLG
EEINVMFKVGEDLRQDMLALQMIKIMDKIWLKEGLDLRMVIFRCLSTGRDRGMVELVPASDTLRKIQVEYGVTGSFKDKP
LAEWLRKYNPSEEEYEKASENFIYSCAGCCVATYVLGICDRHNDNIMLRSTGHMFHIDFGKFLGHAQMFGSFKRDRAPFV
LTSDMAYVINGGEKPTIRFQLFVDLCCQAYNLIRKQTNLFLNLLSLMIPSGLPELTSIQDLKYVRDALQPQTTDAEATIF
FTRLIESSLGSIATKFNFFIHNLAQLRFSG
;
_entity_poly.pdbx_strand_id   A
#
loop_
_chem_comp.id
_chem_comp.type
_chem_comp.name
_chem_comp.formula
EDO non-polymer 1,2-ETHANEDIOL 'C2 H6 O2'
IG3 non-polymer ~{N}-[4-[3-(methylsulfonylamino)phenyl]-1,3-thiazol-2-yl]-2-[4-oxidanylidene-3-(2-phenylethyl)pteridin-2-yl]sulfanyl-ethanamide 'C26 H23 N7 O4 S3'
SO4 non-polymer 'SULFATE ION' 'O4 S -2'
#
# COMPACT_ATOMS: atom_id res chain seq x y z
N ALA A 2 25.68 -6.35 20.55
CA ALA A 2 26.67 -7.49 20.43
C ALA A 2 25.98 -8.78 19.91
N VAL A 3 24.68 -9.00 20.17
CA VAL A 3 23.90 -9.99 19.34
C VAL A 3 23.39 -9.25 18.09
N GLN A 4 22.95 -7.96 18.21
CA GLN A 4 22.52 -7.01 17.11
C GLN A 4 23.45 -7.16 15.89
N ASN A 5 24.76 -7.07 16.11
CA ASN A 5 25.80 -7.28 15.06
C ASN A 5 25.72 -8.72 14.56
N ASP A 6 25.61 -9.71 15.46
CA ASP A 6 25.39 -11.15 15.09
C ASP A 6 24.10 -11.23 14.22
N GLU A 7 22.98 -10.64 14.64
CA GLU A 7 21.67 -10.76 13.93
C GLU A 7 21.83 -10.24 12.49
N VAL A 8 22.38 -9.04 12.36
CA VAL A 8 22.66 -8.41 11.06
C VAL A 8 23.53 -9.36 10.20
N ALA A 9 24.66 -9.83 10.73
CA ALA A 9 25.63 -10.72 10.05
C ALA A 9 24.92 -11.93 9.45
N ALA A 10 23.97 -12.54 10.17
CA ALA A 10 23.26 -13.78 9.76
C ALA A 10 22.17 -13.41 8.73
N PHE A 11 21.51 -12.27 8.87
CA PHE A 11 20.66 -11.71 7.81
C PHE A 11 21.45 -11.78 6.50
N CYS A 12 22.57 -11.05 6.45
CA CYS A 12 23.44 -10.90 5.25
C CYS A 12 23.78 -12.28 4.68
N GLN A 13 24.17 -13.20 5.56
CA GLN A 13 24.41 -14.60 5.18
C GLN A 13 23.17 -15.16 4.44
N SER A 14 21.96 -14.95 4.98
CA SER A 14 20.69 -15.45 4.38
C SER A 14 20.46 -14.77 3.03
N ILE A 15 20.68 -13.47 2.98
CA ILE A 15 20.50 -12.65 1.74
C ILE A 15 21.51 -13.05 0.66
N MET A 16 22.76 -13.45 0.97
CA MET A 16 23.73 -13.93 -0.06
C MET A 16 23.14 -15.19 -0.69
N LYS A 17 22.55 -16.05 0.17
CA LYS A 17 21.96 -17.37 -0.18
C LYS A 17 20.68 -17.17 -1.02
N LEU A 18 19.95 -16.09 -0.80
CA LEU A 18 18.77 -15.72 -1.61
C LEU A 18 19.24 -15.36 -3.01
N LYS A 19 20.21 -14.45 -3.12
CA LYS A 19 20.86 -14.02 -4.40
C LYS A 19 21.24 -15.20 -5.31
N THR A 20 21.67 -16.32 -4.74
CA THR A 20 22.22 -17.47 -5.51
C THR A 20 21.08 -18.09 -6.30
N LYS A 21 19.86 -17.91 -5.84
CA LYS A 21 18.64 -18.38 -6.58
C LYS A 21 18.22 -17.38 -7.69
N PHE A 22 18.90 -16.24 -7.87
CA PHE A 22 18.59 -15.20 -8.89
C PHE A 22 19.87 -14.82 -9.64
N PRO A 23 20.44 -15.75 -10.42
CA PRO A 23 21.67 -15.51 -11.16
C PRO A 23 21.41 -14.55 -12.31
N TYR A 24 22.35 -13.66 -12.64
CA TYR A 24 22.18 -12.59 -13.66
C TYR A 24 21.65 -13.21 -14.95
N THR A 25 22.02 -14.46 -15.26
CA THR A 25 21.78 -15.09 -16.59
C THR A 25 20.29 -15.39 -16.82
N ASP A 26 19.50 -15.51 -15.76
CA ASP A 26 18.08 -15.87 -15.85
C ASP A 26 17.29 -14.66 -16.35
N HIS A 27 16.89 -14.64 -17.63
CA HIS A 27 16.16 -13.47 -18.19
C HIS A 27 14.79 -13.36 -17.50
N CYS A 28 14.22 -14.49 -17.07
CA CYS A 28 12.89 -14.50 -16.43
C CYS A 28 12.92 -13.61 -15.20
N THR A 29 13.94 -13.80 -14.37
CA THR A 29 14.03 -13.11 -13.06
C THR A 29 14.90 -11.86 -13.19
N ASN A 30 15.72 -11.78 -14.24
CA ASN A 30 16.59 -10.59 -14.48
C ASN A 30 16.42 -10.14 -15.93
N PRO A 31 15.28 -9.50 -16.29
CA PRO A 31 15.03 -9.06 -17.66
C PRO A 31 15.78 -7.76 -17.97
N GLY A 32 15.96 -6.90 -16.99
CA GLY A 32 16.56 -5.58 -17.21
C GLY A 32 15.56 -4.50 -17.57
N TYR A 33 14.27 -4.83 -17.73
CA TYR A 33 13.19 -3.86 -18.08
C TYR A 33 11.95 -4.07 -17.20
N LEU A 34 11.16 -3.01 -17.09
CA LEU A 34 9.81 -3.06 -16.43
C LEU A 34 8.84 -3.87 -17.32
N LEU A 35 7.99 -4.70 -16.72
CA LEU A 35 6.89 -5.42 -17.39
C LEU A 35 5.66 -4.53 -17.41
N SER A 36 4.96 -4.33 -18.53
CA SER A 36 3.67 -3.59 -18.57
C SER A 36 2.63 -4.35 -17.71
N PRO A 37 2.03 -3.74 -16.67
CA PRO A 37 1.18 -4.47 -15.73
C PRO A 37 -0.12 -5.03 -16.33
N VAL A 38 -0.43 -6.29 -16.02
CA VAL A 38 -1.73 -6.97 -16.28
C VAL A 38 -2.59 -6.88 -15.01
N THR A 39 -3.91 -6.66 -15.15
CA THR A 39 -4.97 -6.85 -14.10
C THR A 39 -6.05 -7.71 -14.71
N VAL A 40 -6.08 -9.01 -14.41
CA VAL A 40 -6.87 -10.05 -15.15
C VAL A 40 -8.37 -9.64 -15.34
N GLN A 41 -8.88 -9.55 -16.59
CA GLN A 41 -10.28 -9.09 -16.88
C GLN A 41 -11.22 -10.25 -17.31
N ARG A 42 -12.50 -10.16 -16.87
CA ARG A 42 -13.59 -11.20 -16.94
C ARG A 42 -13.71 -11.79 -18.36
N ALA A 49 -14.90 -9.00 -28.47
CA ALA A 49 -14.69 -7.55 -28.73
C ALA A 49 -13.21 -7.28 -29.06
N SER A 50 -12.92 -6.10 -29.61
CA SER A 50 -11.77 -5.89 -30.53
C SER A 50 -11.31 -4.42 -30.54
N VAL A 51 -10.12 -4.23 -31.08
CA VAL A 51 -9.49 -2.89 -30.97
C VAL A 51 -8.40 -2.74 -32.04
N LYS A 52 -8.17 -1.49 -32.45
CA LYS A 52 -7.07 -1.12 -33.37
C LYS A 52 -5.79 -0.88 -32.56
N VAL A 53 -4.76 -1.61 -32.94
CA VAL A 53 -3.37 -1.43 -32.46
C VAL A 53 -2.51 -1.00 -33.61
N SER A 54 -1.72 0.06 -33.42
CA SER A 54 -0.66 0.54 -34.34
C SER A 54 0.68 0.01 -33.85
N ILE A 55 1.43 -0.72 -34.68
CA ILE A 55 2.76 -1.31 -34.31
C ILE A 55 3.86 -0.76 -35.21
N GLU A 56 4.87 -0.09 -34.67
CA GLU A 56 6.06 0.29 -35.50
C GLU A 56 6.83 -1.00 -35.78
N ILE A 57 7.40 -1.11 -36.95
CA ILE A 57 8.26 -2.27 -37.33
C ILE A 57 9.52 -1.71 -37.97
N GLU A 58 10.66 -2.27 -37.58
CA GLU A 58 11.98 -1.80 -38.08
C GLU A 58 12.04 -1.99 -39.59
N GLY A 59 12.48 -0.93 -40.30
CA GLY A 59 12.59 -0.93 -41.77
C GLY A 59 11.27 -0.77 -42.53
N LEU A 60 10.21 -0.39 -41.81
CA LEU A 60 8.97 0.07 -42.48
C LEU A 60 8.79 1.56 -42.18
N GLN A 61 8.57 2.35 -43.20
CA GLN A 61 8.40 3.82 -43.05
C GLN A 61 7.13 4.12 -42.26
N LEU A 62 6.08 3.37 -42.50
CA LEU A 62 4.77 3.57 -41.81
C LEU A 62 4.62 2.46 -40.77
N PRO A 63 3.95 2.70 -39.61
CA PRO A 63 3.62 1.63 -38.69
C PRO A 63 2.39 0.87 -39.20
N VAL A 64 2.32 -0.44 -38.92
CA VAL A 64 1.15 -1.25 -39.38
C VAL A 64 0.04 -1.07 -38.37
N THR A 65 -1.18 -0.77 -38.84
CA THR A 65 -2.42 -0.64 -38.03
C THR A 65 -3.38 -1.78 -38.39
N PHE A 66 -3.77 -2.60 -37.43
CA PHE A 66 -4.86 -3.58 -37.64
C PHE A 66 -5.76 -3.80 -36.42
N THR A 67 -6.85 -4.54 -36.64
CA THR A 67 -7.76 -4.95 -35.55
C THR A 67 -7.28 -6.29 -34.98
N CYS A 68 -7.24 -6.32 -33.64
CA CYS A 68 -6.89 -7.45 -32.74
C CYS A 68 -8.10 -7.78 -31.85
N ASP A 69 -8.39 -9.08 -31.72
CA ASP A 69 -9.33 -9.55 -30.68
C ASP A 69 -8.59 -9.32 -29.33
N VAL A 70 -9.11 -8.37 -28.56
CA VAL A 70 -8.65 -7.95 -27.21
C VAL A 70 -8.41 -9.15 -26.31
N SER A 71 -9.11 -10.25 -26.56
CA SER A 71 -9.01 -11.54 -25.86
C SER A 71 -7.76 -12.34 -26.29
N SER A 72 -7.09 -12.00 -27.40
CA SER A 72 -5.96 -12.84 -27.88
C SER A 72 -4.69 -12.48 -27.08
N THR A 73 -3.69 -13.35 -27.07
CA THR A 73 -2.47 -13.18 -26.25
C THR A 73 -1.46 -12.35 -27.04
N VAL A 74 -0.67 -11.54 -26.32
CA VAL A 74 0.42 -10.72 -26.89
C VAL A 74 1.27 -11.61 -27.77
N GLU A 75 1.45 -12.87 -27.39
CA GLU A 75 2.22 -13.85 -28.20
C GLU A 75 1.62 -13.87 -29.61
N ILE A 76 0.33 -14.11 -29.78
CA ILE A 76 -0.20 -14.30 -31.15
C ILE A 76 -0.18 -12.93 -31.84
N ILE A 77 -0.37 -11.86 -31.08
CA ILE A 77 -0.36 -10.49 -31.66
C ILE A 77 1.02 -10.18 -32.23
N ILE A 78 2.07 -10.71 -31.61
CA ILE A 78 3.48 -10.42 -32.02
C ILE A 78 3.66 -10.92 -33.44
N MET A 79 2.99 -12.00 -33.80
CA MET A 79 3.20 -12.57 -35.17
C MET A 79 2.03 -12.29 -36.10
N GLN A 80 0.80 -12.02 -35.64
CA GLN A 80 -0.16 -11.25 -36.47
C GLN A 80 0.59 -10.06 -37.12
N ALA A 81 1.63 -9.54 -36.44
CA ALA A 81 2.43 -8.37 -36.87
C ALA A 81 3.66 -8.80 -37.67
N LEU A 82 4.21 -9.99 -37.44
CA LEU A 82 5.21 -10.60 -38.37
C LEU A 82 4.51 -11.11 -39.69
N CYS A 83 3.21 -11.46 -39.64
CA CYS A 83 2.39 -11.89 -40.81
C CYS A 83 2.06 -10.71 -41.75
N TRP A 84 2.20 -9.47 -41.28
CA TRP A 84 1.94 -8.24 -42.08
C TRP A 84 3.16 -7.88 -42.94
N VAL A 85 4.38 -8.10 -42.43
CA VAL A 85 5.63 -7.85 -43.20
C VAL A 85 6.05 -9.15 -43.90
N HIS A 86 6.00 -10.28 -43.20
CA HIS A 86 6.50 -11.60 -43.69
C HIS A 86 5.33 -12.47 -44.15
N ASP A 87 5.41 -12.97 -45.38
CA ASP A 87 4.40 -13.85 -46.04
C ASP A 87 4.46 -15.24 -45.40
N ASP A 88 5.66 -15.69 -44.99
CA ASP A 88 5.94 -17.01 -44.35
C ASP A 88 7.05 -16.84 -43.31
N LEU A 89 6.80 -17.19 -42.04
CA LEU A 89 7.57 -16.67 -40.85
C LEU A 89 8.46 -17.75 -40.22
N ASN A 90 8.90 -18.72 -41.02
CA ASN A 90 9.90 -19.77 -40.63
C ASN A 90 11.30 -19.17 -40.55
N GLN A 91 11.60 -18.09 -41.26
CA GLN A 91 12.97 -17.52 -41.32
C GLN A 91 13.09 -16.34 -40.37
N VAL A 92 12.20 -16.19 -39.39
CA VAL A 92 12.48 -15.20 -38.28
C VAL A 92 12.23 -15.94 -36.95
N ASP A 93 13.05 -15.79 -35.89
CA ASP A 93 12.73 -16.44 -34.59
C ASP A 93 11.79 -15.59 -33.73
N VAL A 94 10.52 -15.97 -33.67
CA VAL A 94 9.43 -15.20 -33.01
C VAL A 94 9.79 -14.94 -31.55
N GLY A 95 10.48 -15.90 -30.90
CA GLY A 95 10.95 -15.79 -29.51
C GLY A 95 11.72 -14.51 -29.25
N SER A 96 12.63 -14.15 -30.15
CA SER A 96 13.47 -12.94 -30.01
C SER A 96 12.60 -11.67 -29.92
N TYR A 97 11.56 -11.57 -30.74
CA TYR A 97 10.71 -10.36 -30.81
C TYR A 97 9.87 -10.17 -29.52
N ILE A 98 9.76 -8.92 -29.05
CA ILE A 98 8.86 -8.53 -27.92
C ILE A 98 8.03 -7.29 -28.32
N LEU A 99 7.02 -6.94 -27.53
CA LEU A 99 6.23 -5.70 -27.78
C LEU A 99 6.36 -4.71 -26.61
N LYS A 100 6.93 -3.53 -26.84
CA LYS A 100 6.91 -2.40 -25.88
C LYS A 100 5.82 -1.34 -26.23
N VAL A 101 5.37 -0.61 -25.24
CA VAL A 101 4.47 0.55 -25.45
C VAL A 101 5.39 1.64 -26.00
N CYS A 102 4.94 2.35 -27.00
CA CYS A 102 5.69 3.51 -27.55
C CYS A 102 5.86 4.55 -26.46
N GLY A 103 7.09 5.05 -26.27
CA GLY A 103 7.42 6.15 -25.34
C GLY A 103 7.89 5.63 -24.00
N GLN A 104 7.54 4.39 -23.69
CA GLN A 104 7.57 3.76 -22.34
C GLN A 104 8.43 2.52 -22.36
N GLU A 105 9.48 2.49 -21.54
CA GLU A 105 10.42 1.34 -21.51
C GLU A 105 9.77 0.26 -20.63
N GLU A 106 8.62 -0.22 -21.09
CA GLU A 106 7.87 -1.34 -20.46
C GLU A 106 7.40 -2.30 -21.58
N VAL A 107 7.53 -3.60 -21.33
CA VAL A 107 7.40 -4.70 -22.30
C VAL A 107 6.14 -5.47 -21.99
N LEU A 108 5.30 -5.75 -23.00
CA LEU A 108 4.04 -6.51 -22.79
C LEU A 108 4.35 -7.96 -22.43
N GLN A 109 3.40 -8.62 -21.76
CA GLN A 109 3.57 -9.99 -21.21
C GLN A 109 2.95 -10.99 -22.19
N ASN A 110 3.82 -11.76 -22.87
CA ASN A 110 3.45 -12.67 -24.00
C ASN A 110 2.26 -13.56 -23.65
N ASN A 111 2.30 -14.22 -22.52
CA ASN A 111 1.30 -15.26 -22.21
C ASN A 111 0.02 -14.62 -21.63
N HIS A 112 -0.16 -13.29 -21.71
CA HIS A 112 -1.40 -12.61 -21.24
C HIS A 112 -2.19 -12.03 -22.41
N CYS A 113 -3.49 -11.84 -22.18
CA CYS A 113 -4.47 -11.27 -23.13
C CYS A 113 -3.95 -9.88 -23.47
N LEU A 114 -4.24 -9.35 -24.66
CA LEU A 114 -4.02 -7.92 -24.91
C LEU A 114 -4.90 -7.12 -23.94
N GLY A 115 -6.20 -7.48 -23.84
CA GLY A 115 -7.22 -6.78 -23.04
C GLY A 115 -6.86 -6.66 -21.56
N SER A 116 -6.00 -7.55 -21.04
CA SER A 116 -5.64 -7.64 -19.58
C SER A 116 -4.52 -6.70 -19.22
N HIS A 117 -3.88 -6.00 -20.16
CA HIS A 117 -2.89 -4.95 -19.88
C HIS A 117 -3.56 -3.62 -19.49
N GLU A 118 -3.16 -3.11 -18.32
CA GLU A 118 -3.40 -1.70 -17.86
C GLU A 118 -3.33 -0.67 -18.98
N HIS A 119 -2.20 -0.64 -19.72
CA HIS A 119 -1.99 0.34 -20.83
C HIS A 119 -3.13 0.14 -21.85
N ILE A 120 -3.48 -1.10 -22.18
CA ILE A 120 -4.61 -1.35 -23.14
C ILE A 120 -5.94 -0.88 -22.50
N GLN A 121 -6.32 -1.35 -21.30
CA GLN A 121 -7.61 -0.94 -20.68
C GLN A 121 -7.69 0.59 -20.71
N ASN A 122 -6.58 1.30 -20.49
CA ASN A 122 -6.61 2.76 -20.27
C ASN A 122 -6.93 3.49 -21.57
N CYS A 123 -6.29 3.05 -22.65
CA CYS A 123 -6.43 3.64 -24.01
C CYS A 123 -7.90 3.50 -24.45
N ARG A 124 -8.48 2.34 -24.20
CA ARG A 124 -9.88 2.06 -24.57
C ARG A 124 -10.77 3.05 -23.84
N LYS A 125 -10.54 3.19 -22.53
CA LYS A 125 -11.35 4.07 -21.65
C LYS A 125 -11.28 5.49 -22.20
N TRP A 126 -10.09 6.02 -22.52
CA TRP A 126 -9.90 7.41 -23.02
C TRP A 126 -10.15 7.47 -24.52
N ASP A 127 -10.34 6.33 -25.18
CA ASP A 127 -10.37 6.21 -26.68
C ASP A 127 -9.12 6.89 -27.23
N THR A 128 -7.91 6.45 -26.83
CA THR A 128 -6.61 6.90 -27.38
C THR A 128 -6.05 5.75 -28.22
N GLU A 129 -5.14 6.07 -29.15
CA GLU A 129 -4.41 5.13 -30.03
C GLU A 129 -3.51 4.24 -29.19
N ILE A 130 -3.76 2.95 -29.12
CA ILE A 130 -2.74 1.91 -28.76
C ILE A 130 -1.58 2.00 -29.75
N LYS A 131 -0.39 2.36 -29.30
CA LYS A 131 0.84 2.52 -30.12
C LYS A 131 1.97 1.72 -29.50
N LEU A 132 2.26 0.56 -30.09
CA LEU A 132 3.29 -0.40 -29.63
C LEU A 132 4.42 -0.38 -30.64
N GLN A 133 5.56 -1.00 -30.29
CA GLN A 133 6.78 -1.07 -31.11
C GLN A 133 7.24 -2.51 -31.18
N LEU A 134 7.37 -3.05 -32.38
CA LEU A 134 7.88 -4.42 -32.53
C LEU A 134 9.40 -4.33 -32.61
N LEU A 135 10.07 -5.13 -31.78
CA LEU A 135 11.55 -5.14 -31.58
C LEU A 135 11.96 -6.43 -30.86
N THR A 136 13.26 -6.77 -30.86
CA THR A 136 13.81 -8.03 -30.30
C THR A 136 14.36 -7.73 -28.91
N LEU A 137 14.77 -8.74 -28.14
CA LEU A 137 15.35 -8.52 -26.78
C LEU A 137 16.65 -7.71 -26.93
N SER A 138 17.43 -7.95 -28.00
CA SER A 138 18.76 -7.34 -28.28
C SER A 138 18.72 -5.80 -28.28
N ALA A 139 17.60 -5.23 -28.73
CA ALA A 139 17.42 -3.78 -29.01
C ALA A 139 16.57 -3.10 -27.93
N MET A 140 16.10 -3.86 -26.93
CA MET A 140 15.23 -3.35 -25.85
C MET A 140 16.15 -3.02 -24.66
N CYS A 141 16.10 -1.76 -24.21
CA CYS A 141 17.01 -1.20 -23.17
C CYS A 141 17.00 -2.15 -21.98
N GLN A 142 18.19 -2.43 -21.43
CA GLN A 142 18.41 -3.42 -20.34
C GLN A 142 19.35 -2.78 -19.30
N ASN A 143 19.50 -1.44 -19.31
CA ASN A 143 20.50 -0.70 -18.48
C ASN A 143 20.36 -1.11 -17.01
N LEU A 144 19.18 -1.60 -16.60
CA LEU A 144 18.80 -1.94 -15.19
C LEU A 144 19.27 -3.36 -14.86
N ALA A 145 19.47 -4.23 -15.84
CA ALA A 145 19.78 -5.67 -15.58
C ALA A 145 20.92 -5.83 -14.56
N ARG A 146 20.86 -6.86 -13.73
CA ARG A 146 21.97 -7.19 -12.80
C ARG A 146 23.14 -7.76 -13.58
N THR A 147 24.35 -7.67 -13.07
CA THR A 147 25.57 -8.11 -13.79
C THR A 147 26.21 -9.27 -13.04
N ALA A 148 27.16 -9.95 -13.67
CA ALA A 148 27.92 -11.04 -13.00
C ALA A 148 28.62 -10.46 -11.76
N GLU A 149 29.15 -9.24 -11.89
CA GLU A 149 29.79 -8.54 -10.77
C GLU A 149 28.82 -8.41 -9.60
N ASP A 150 27.58 -8.04 -9.88
CA ASP A 150 26.54 -7.81 -8.82
C ASP A 150 26.30 -9.12 -8.08
N ASP A 151 26.21 -10.24 -8.78
CA ASP A 151 25.94 -11.55 -8.14
C ASP A 151 27.15 -11.93 -7.29
N GLU A 152 28.35 -11.85 -7.87
CA GLU A 152 29.60 -12.19 -7.15
C GLU A 152 29.82 -11.25 -5.97
N ALA A 153 29.28 -10.03 -5.99
CA ALA A 153 29.55 -8.98 -4.96
C ALA A 153 29.00 -9.43 -3.61
N PRO A 154 29.66 -9.10 -2.48
CA PRO A 154 29.11 -9.40 -1.15
C PRO A 154 27.87 -8.58 -0.72
N VAL A 155 27.14 -9.03 0.29
CA VAL A 155 26.02 -8.28 0.90
C VAL A 155 26.54 -7.45 2.08
N ASP A 156 26.56 -6.10 1.96
CA ASP A 156 26.77 -5.16 3.11
C ASP A 156 25.61 -4.14 3.12
N LEU A 157 25.25 -3.66 4.34
CA LEU A 157 24.00 -2.85 4.56
C LEU A 157 24.33 -1.38 4.78
N ASN A 158 23.45 -0.51 4.25
CA ASN A 158 23.48 0.99 4.29
C ASN A 158 24.83 1.47 4.87
N ARG A 184 28.91 -23.51 29.25
CA ARG A 184 27.76 -23.19 28.36
C ARG A 184 26.57 -24.07 28.75
N ASN A 185 26.16 -24.06 30.04
CA ASN A 185 24.88 -24.63 30.54
C ASN A 185 23.72 -24.05 29.71
N ILE A 186 22.66 -24.86 29.49
CA ILE A 186 21.45 -24.50 28.68
C ILE A 186 20.20 -24.94 29.44
N LYS A 187 19.59 -24.09 30.26
CA LYS A 187 18.22 -24.36 30.78
C LYS A 187 17.23 -24.09 29.64
N GLU A 188 16.22 -24.94 29.47
CA GLU A 188 15.15 -24.64 28.48
C GLU A 188 14.17 -23.71 29.24
N ALA A 189 13.35 -22.97 28.50
CA ALA A 189 12.52 -21.90 29.06
C ALA A 189 11.26 -22.44 29.73
N TRP A 190 10.67 -23.53 29.21
CA TRP A 190 9.41 -24.09 29.78
C TRP A 190 9.68 -24.56 31.22
N THR A 191 10.94 -24.88 31.57
CA THR A 191 11.32 -25.39 32.90
C THR A 191 11.78 -24.24 33.80
N ALA A 192 12.13 -23.09 33.22
CA ALA A 192 12.64 -21.89 33.93
C ALA A 192 11.50 -21.21 34.71
N THR A 193 11.72 -21.11 36.02
CA THR A 193 10.68 -20.67 37.00
C THR A 193 11.02 -19.26 37.47
N GLU A 194 12.24 -18.78 37.17
CA GLU A 194 12.75 -17.42 37.54
C GLU A 194 11.71 -16.38 37.08
N GLN A 195 11.26 -15.50 37.94
CA GLN A 195 10.24 -14.49 37.56
C GLN A 195 10.90 -13.43 36.69
N LEU A 196 10.19 -12.91 35.71
CA LEU A 196 10.75 -11.92 34.76
C LEU A 196 10.96 -10.62 35.53
N GLN A 197 12.17 -10.09 35.44
CA GLN A 197 12.54 -8.93 36.25
C GLN A 197 13.78 -8.37 35.58
N PHE A 198 13.96 -7.06 35.76
CA PHE A 198 15.08 -6.28 35.19
C PHE A 198 15.09 -4.95 35.92
N THR A 199 16.25 -4.33 36.00
CA THR A 199 16.42 -3.01 36.65
C THR A 199 16.50 -2.00 35.50
N VAL A 200 15.66 -0.98 35.57
CA VAL A 200 15.82 0.19 34.65
C VAL A 200 16.86 1.06 35.36
N TYR A 201 18.08 1.14 34.77
CA TYR A 201 19.26 1.83 35.38
C TYR A 201 19.15 3.34 35.17
N ALA A 202 19.25 3.77 33.94
CA ALA A 202 19.38 5.20 33.60
C ALA A 202 19.02 5.47 32.14
N ALA A 203 18.71 6.74 31.85
CA ALA A 203 18.80 7.34 30.49
C ALA A 203 19.94 8.40 30.44
N HIS A 204 20.74 8.35 29.38
CA HIS A 204 21.94 9.20 29.11
C HIS A 204 21.75 10.09 27.88
N GLY A 205 22.13 11.38 28.03
CA GLY A 205 22.21 12.39 26.97
C GLY A 205 20.89 13.13 26.77
N ILE A 206 20.29 13.62 27.85
CA ILE A 206 19.02 14.43 27.79
C ILE A 206 19.45 15.87 27.49
N SER A 207 18.75 16.52 26.55
CA SER A 207 19.02 17.89 26.04
C SER A 207 18.70 18.91 27.15
N SER A 208 19.14 20.17 26.98
CA SER A 208 19.05 21.22 28.04
C SER A 208 17.64 21.87 28.02
N ASN A 209 16.89 21.76 26.92
CA ASN A 209 15.47 22.20 26.89
C ASN A 209 14.63 21.24 27.74
N TRP A 210 15.02 19.95 27.87
CA TRP A 210 14.45 19.00 28.87
C TRP A 210 14.78 19.50 30.28
N VAL A 211 16.02 19.85 30.59
CA VAL A 211 16.47 20.13 31.99
C VAL A 211 15.81 21.40 32.52
N SER A 212 15.22 22.21 31.63
CA SER A 212 14.41 23.40 31.99
C SER A 212 12.96 22.96 32.16
N ASN A 213 12.38 22.33 31.12
CA ASN A 213 10.93 22.02 30.94
C ASN A 213 10.37 21.12 32.05
N TYR A 214 11.09 20.05 32.43
CA TYR A 214 10.58 18.99 33.34
C TYR A 214 11.48 18.82 34.57
N GLU A 215 10.88 18.61 35.74
CA GLU A 215 11.56 18.31 37.03
C GLU A 215 11.95 16.83 37.14
N LYS A 216 10.97 15.94 36.99
CA LYS A 216 11.08 14.49 37.24
C LYS A 216 10.61 13.77 35.99
N TYR A 217 11.01 12.51 35.88
CA TYR A 217 10.68 11.62 34.73
C TYR A 217 10.44 10.22 35.26
N TYR A 218 9.90 9.37 34.41
CA TYR A 218 9.39 8.05 34.85
C TYR A 218 9.16 7.21 33.62
N LEU A 219 9.44 5.92 33.76
CA LEU A 219 9.18 4.96 32.67
C LEU A 219 7.92 4.14 33.00
N ILE A 220 7.01 3.98 32.01
CA ILE A 220 5.89 3.02 32.03
C ILE A 220 6.38 1.79 31.28
N CYS A 221 6.51 0.65 31.99
CA CYS A 221 6.95 -0.66 31.38
C CYS A 221 5.72 -1.52 31.19
N SER A 222 5.67 -2.13 30.03
CA SER A 222 4.54 -2.76 29.35
C SER A 222 5.07 -4.07 28.77
N LEU A 223 4.39 -5.18 28.96
CA LEU A 223 4.85 -6.47 28.42
C LEU A 223 3.75 -6.99 27.52
N SER A 224 4.01 -7.23 26.24
CA SER A 224 2.95 -7.58 25.26
C SER A 224 3.38 -8.76 24.41
N HIS A 225 2.41 -9.42 23.79
CA HIS A 225 2.58 -10.40 22.67
C HIS A 225 1.30 -10.34 21.85
N ASN A 226 1.36 -10.72 20.57
CA ASN A 226 0.20 -10.58 19.66
C ASN A 226 -0.40 -9.17 19.85
N GLY A 227 0.43 -8.13 19.97
CA GLY A 227 -0.01 -6.73 20.00
C GLY A 227 -0.77 -6.33 21.26
N LYS A 228 -1.04 -7.26 22.18
CA LYS A 228 -1.86 -6.98 23.39
C LYS A 228 -1.01 -7.14 24.67
N ASP A 229 -1.32 -6.35 25.72
CA ASP A 229 -0.67 -6.49 27.04
C ASP A 229 -1.00 -7.88 27.65
N LEU A 230 0.00 -8.55 28.24
CA LEU A 230 -0.18 -9.79 29.03
C LEU A 230 -0.55 -9.39 30.45
N PHE A 231 0.05 -8.31 30.93
CA PHE A 231 -0.22 -7.75 32.28
C PHE A 231 -0.30 -6.24 32.14
N LYS A 232 -1.07 -5.67 33.09
CA LYS A 232 -1.11 -4.21 33.32
C LYS A 232 0.32 -3.69 33.49
N PRO A 233 0.61 -2.53 32.91
CA PRO A 233 1.95 -1.98 32.99
C PRO A 233 2.28 -1.56 34.42
N ILE A 234 3.57 -1.54 34.70
CA ILE A 234 4.21 -1.12 35.98
C ILE A 234 4.90 0.22 35.68
N GLN A 235 4.59 1.26 36.46
CA GLN A 235 5.30 2.56 36.40
C GLN A 235 6.56 2.47 37.24
N SER A 236 7.69 3.05 36.79
CA SER A 236 8.86 3.30 37.67
C SER A 236 8.51 4.42 38.65
N LYS A 237 9.37 4.64 39.64
CA LYS A 237 9.30 5.85 40.52
C LYS A 237 9.66 7.06 39.66
N LYS A 238 9.36 8.25 40.20
CA LYS A 238 9.49 9.55 39.49
C LYS A 238 10.85 10.13 39.90
N VAL A 239 11.84 10.22 39.00
CA VAL A 239 13.17 10.70 39.45
C VAL A 239 13.65 11.81 38.53
N GLY A 240 14.28 12.82 39.15
CA GLY A 240 14.99 13.88 38.44
C GLY A 240 16.38 13.43 38.05
N THR A 241 17.07 14.34 37.38
CA THR A 241 18.46 14.22 36.90
C THR A 241 19.39 13.94 38.09
N TYR A 242 20.44 13.14 37.86
CA TYR A 242 21.38 12.70 38.93
C TYR A 242 22.25 13.89 39.37
N LYS A 243 22.85 13.80 40.54
CA LYS A 243 23.63 14.95 41.07
C LYS A 243 24.82 15.18 40.13
N ASN A 244 25.12 16.44 39.82
CA ASN A 244 26.27 16.80 38.94
C ASN A 244 26.22 15.99 37.63
N ALA A 245 25.04 15.80 37.06
CA ALA A 245 24.84 15.05 35.80
C ALA A 245 23.51 15.47 35.19
N ALA A 246 23.51 16.59 34.47
CA ALA A 246 22.26 17.13 33.87
C ALA A 246 22.01 16.43 32.54
N TYR A 247 22.85 15.47 32.18
CA TYR A 247 22.69 14.70 30.92
C TYR A 247 22.21 13.30 31.31
N LEU A 248 22.05 13.06 32.60
CA LEU A 248 21.77 11.68 33.12
C LEU A 248 20.55 11.66 34.04
N ILE A 249 19.64 10.68 33.79
CA ILE A 249 18.52 10.28 34.70
C ILE A 249 18.82 8.89 35.25
N LYS A 250 18.97 8.73 36.57
CA LYS A 250 19.30 7.41 37.17
C LYS A 250 18.14 7.01 38.09
N TRP A 251 17.46 5.90 37.75
CA TRP A 251 16.37 5.23 38.54
C TRP A 251 16.95 4.14 39.44
N ASP A 252 17.88 3.33 38.90
CA ASP A 252 18.48 2.13 39.57
C ASP A 252 17.38 1.38 40.32
N GLU A 253 16.24 1.14 39.65
CA GLU A 253 15.03 0.51 40.25
C GLU A 253 14.83 -0.86 39.61
N LEU A 254 14.71 -1.90 40.45
CA LEU A 254 14.28 -3.26 40.04
C LEU A 254 12.79 -3.23 39.73
N ILE A 255 12.42 -3.69 38.55
CA ILE A 255 10.98 -3.90 38.15
C ILE A 255 10.70 -5.40 38.03
N ILE A 256 9.68 -5.88 38.72
CA ILE A 256 9.27 -7.33 38.76
C ILE A 256 7.84 -7.46 38.24
N PHE A 257 7.68 -8.26 37.19
CA PHE A 257 6.39 -8.67 36.58
C PHE A 257 5.85 -9.92 37.26
N PRO A 258 4.52 -10.13 37.31
CA PRO A 258 3.92 -11.33 37.90
C PRO A 258 3.84 -12.45 36.86
N ILE A 259 4.97 -12.81 36.26
CA ILE A 259 5.08 -13.85 35.22
C ILE A 259 6.47 -14.47 35.28
N GLN A 260 6.60 -15.76 34.97
CA GLN A 260 7.92 -16.44 34.93
C GLN A 260 8.25 -16.85 33.49
N ILE A 261 9.55 -16.94 33.21
CA ILE A 261 10.15 -17.18 31.87
C ILE A 261 9.28 -18.20 31.14
N SER A 262 8.95 -19.32 31.82
CA SER A 262 8.11 -20.42 31.27
C SER A 262 6.84 -19.85 30.64
N GLN A 263 6.22 -18.88 31.26
CA GLN A 263 4.90 -18.37 30.81
C GLN A 263 5.05 -17.37 29.64
N LEU A 264 6.25 -17.03 29.14
CA LEU A 264 6.50 -15.94 28.13
C LEU A 264 6.52 -16.50 26.72
N PRO A 265 5.62 -16.14 25.79
CA PRO A 265 5.72 -16.64 24.41
C PRO A 265 7.03 -16.14 23.78
N LEU A 266 7.53 -16.86 22.77
CA LEU A 266 8.82 -16.49 22.11
C LEU A 266 8.82 -15.02 21.67
N GLU A 267 7.70 -14.48 21.21
CA GLU A 267 7.63 -13.10 20.66
C GLU A 267 7.14 -12.11 21.71
N SER A 268 7.64 -12.23 22.94
CA SER A 268 7.25 -11.28 24.02
C SER A 268 8.08 -10.01 23.88
N VAL A 269 7.43 -8.86 23.88
CA VAL A 269 8.15 -7.56 23.71
C VAL A 269 8.02 -6.76 24.98
N LEU A 270 9.06 -5.99 25.34
CA LEU A 270 9.03 -5.03 26.47
C LEU A 270 8.96 -3.58 25.94
N HIS A 271 8.12 -2.75 26.53
CA HIS A 271 7.91 -1.36 26.07
C HIS A 271 8.10 -0.42 27.26
N LEU A 272 9.23 0.30 27.28
CA LEU A 272 9.50 1.37 28.28
C LEU A 272 9.10 2.71 27.65
N THR A 273 8.00 3.28 28.10
CA THR A 273 7.53 4.63 27.63
C THR A 273 8.09 5.70 28.58
N LEU A 274 9.15 6.38 28.18
CA LEU A 274 9.71 7.50 29.01
C LEU A 274 8.75 8.69 29.03
N PHE A 275 8.52 9.24 30.22
CA PHE A 275 7.56 10.36 30.40
C PHE A 275 8.24 11.46 31.18
N GLY A 276 7.66 12.67 31.24
CA GLY A 276 8.29 13.80 31.93
C GLY A 276 7.26 14.74 32.55
N VAL A 277 7.23 14.84 33.88
CA VAL A 277 6.29 15.75 34.57
C VAL A 277 6.82 17.20 34.41
N LEU A 278 5.99 18.06 33.84
CA LEU A 278 6.37 19.46 33.51
C LEU A 278 6.70 20.22 34.78
N ASN A 279 7.76 21.00 34.77
CA ASN A 279 8.06 22.01 35.81
C ASN A 279 6.90 23.02 35.87
N GLN A 280 6.56 23.56 37.04
CA GLN A 280 5.56 24.66 37.08
C GLN A 280 6.10 25.85 36.30
N SER A 281 5.34 26.40 35.35
CA SER A 281 5.83 27.51 34.49
C SER A 281 7.19 27.19 33.88
N GLY A 294 -0.37 17.47 32.67
CA GLY A 294 -0.16 16.01 32.54
C GLY A 294 1.15 15.60 31.85
N PRO A 295 2.06 14.85 32.53
CA PRO A 295 3.37 14.44 32.00
C PRO A 295 3.20 13.99 30.52
N GLU A 296 4.14 14.33 29.65
CA GLU A 296 4.02 14.00 28.21
C GLU A 296 5.00 12.88 27.87
N ALA A 297 4.57 11.95 27.01
CA ALA A 297 5.43 10.85 26.54
C ALA A 297 6.65 11.46 25.83
N LEU A 298 7.86 11.06 26.21
CA LEU A 298 9.08 11.66 25.61
C LEU A 298 9.72 10.65 24.66
N GLY A 299 9.14 9.47 24.50
CA GLY A 299 9.78 8.42 23.68
C GLY A 299 9.46 7.02 24.18
N LYS A 300 9.51 6.07 23.26
CA LYS A 300 9.16 4.63 23.50
C LYS A 300 10.38 3.79 23.14
N VAL A 301 10.53 2.59 23.68
CA VAL A 301 11.65 1.66 23.40
C VAL A 301 11.06 0.25 23.29
N SER A 302 11.53 -0.52 22.35
CA SER A 302 11.10 -1.91 22.10
C SER A 302 12.28 -2.82 22.50
N LEU A 303 11.99 -3.96 23.11
CA LEU A 303 13.03 -4.89 23.62
C LEU A 303 12.48 -6.31 23.60
N THR A 304 12.89 -7.14 22.66
CA THR A 304 12.44 -8.52 22.55
C THR A 304 13.01 -9.29 23.76
N LEU A 305 12.18 -10.13 24.39
CA LEU A 305 12.60 -10.86 25.58
C LEU A 305 13.48 -12.04 25.17
N PHE A 306 13.26 -12.56 23.97
CA PHE A 306 14.25 -13.47 23.34
C PHE A 306 14.88 -12.79 22.12
N ASP A 307 16.05 -13.28 21.70
CA ASP A 307 16.80 -12.80 20.52
C ASP A 307 16.57 -13.79 19.38
N PHE A 308 17.24 -13.59 18.24
CA PHE A 308 16.87 -14.27 16.97
C PHE A 308 17.21 -15.74 17.03
N LYS A 309 18.01 -16.15 18.02
CA LYS A 309 18.49 -17.55 18.20
C LYS A 309 17.81 -18.13 19.43
N ARG A 310 16.72 -17.52 19.88
CA ARG A 310 15.77 -18.07 20.88
C ARG A 310 16.33 -17.89 22.32
N PHE A 311 17.49 -17.27 22.52
CA PHE A 311 18.07 -17.09 23.89
C PHE A 311 17.39 -15.94 24.61
N LEU A 312 16.98 -16.15 25.84
CA LEU A 312 16.44 -15.08 26.71
C LEU A 312 17.49 -13.94 26.83
N THR A 313 17.03 -12.71 26.93
CA THR A 313 17.87 -11.52 27.13
C THR A 313 18.57 -11.70 28.47
N CYS A 314 19.89 -11.85 28.50
CA CYS A 314 20.62 -11.69 29.76
C CYS A 314 21.55 -10.45 29.69
N GLY A 315 21.97 -9.96 30.84
CA GLY A 315 22.98 -8.90 30.95
C GLY A 315 22.41 -7.52 30.77
N THR A 316 23.27 -6.57 30.43
CA THR A 316 22.93 -5.15 30.25
C THR A 316 22.61 -4.96 28.78
N LYS A 317 21.52 -4.27 28.51
CA LYS A 317 21.03 -4.06 27.13
C LYS A 317 20.82 -2.57 27.03
N LEU A 318 21.14 -2.00 25.89
CA LEU A 318 21.05 -0.54 25.69
C LEU A 318 19.97 -0.34 24.65
N ALA A 319 19.09 0.60 24.84
CA ALA A 319 18.28 1.01 23.69
C ALA A 319 18.35 2.51 23.59
N TYR A 320 17.94 2.96 22.41
CA TYR A 320 18.11 4.33 21.88
C TYR A 320 16.68 4.80 21.63
N LEU A 321 16.14 5.71 22.43
CA LEU A 321 14.93 6.44 22.02
C LEU A 321 15.31 7.80 21.46
N TRP A 322 14.64 8.19 20.38
CA TRP A 322 14.94 9.39 19.55
C TRP A 322 13.90 10.46 19.83
N THR A 323 14.33 11.72 19.95
CA THR A 323 13.48 12.93 20.11
C THR A 323 13.87 13.91 19.01
N VAL A 340 13.73 16.94 17.21
CA VAL A 340 14.84 16.83 16.21
C VAL A 340 15.08 15.33 15.89
N MET A 341 16.34 14.93 15.59
CA MET A 341 16.93 13.56 15.73
C MET A 341 18.17 13.64 16.67
N GLU A 342 17.93 13.61 18.01
CA GLU A 342 18.90 13.44 19.15
C GLU A 342 18.67 12.09 19.84
N ARG A 343 19.76 11.41 20.19
CA ARG A 343 19.82 9.97 20.59
C ARG A 343 20.10 9.90 22.09
N ILE A 344 19.11 9.42 22.84
CA ILE A 344 19.15 9.14 24.31
C ILE A 344 19.38 7.64 24.47
N VAL A 345 20.21 7.25 25.45
CA VAL A 345 20.57 5.82 25.69
C VAL A 345 19.93 5.41 26.99
N LEU A 346 19.13 4.33 26.91
CA LEU A 346 18.41 3.72 28.05
C LEU A 346 19.13 2.44 28.36
N GLN A 347 19.57 2.29 29.62
CA GLN A 347 20.20 1.04 30.10
C GLN A 347 19.15 0.25 30.89
N VAL A 348 18.81 -0.94 30.39
CA VAL A 348 18.08 -1.97 31.17
C VAL A 348 19.08 -3.08 31.54
N ASP A 349 19.20 -3.41 32.82
CA ASP A 349 20.00 -4.61 33.24
C ASP A 349 19.08 -5.81 33.54
N PHE A 350 19.18 -6.88 32.74
CA PHE A 350 18.56 -8.19 32.99
C PHE A 350 19.51 -9.02 33.84
N PRO A 351 18.97 -10.03 34.58
CA PRO A 351 19.79 -10.95 35.34
C PRO A 351 20.85 -11.62 34.47
N SER A 352 21.95 -11.97 35.10
CA SER A 352 23.06 -12.75 34.51
C SER A 352 23.22 -14.01 35.35
N PRO A 353 22.52 -15.11 35.01
CA PRO A 353 22.83 -16.42 35.57
C PRO A 353 24.12 -16.94 34.92
N ALA A 354 24.75 -17.96 35.50
CA ALA A 354 25.89 -18.69 34.90
C ALA A 354 25.40 -19.47 33.66
N PHE A 355 24.09 -19.58 33.50
CA PHE A 355 23.45 -20.39 32.44
C PHE A 355 22.63 -19.51 31.48
N ASP A 356 22.54 -19.97 30.23
CA ASP A 356 21.75 -19.36 29.14
C ASP A 356 20.38 -20.09 29.13
N ILE A 357 19.27 -19.37 29.22
CA ILE A 357 17.90 -19.94 29.18
C ILE A 357 17.40 -19.84 27.75
N ILE A 358 17.17 -20.94 27.04
CA ILE A 358 16.78 -20.91 25.58
C ILE A 358 15.33 -21.33 25.45
N TYR A 359 14.54 -20.59 24.66
CA TYR A 359 13.17 -20.99 24.24
C TYR A 359 13.28 -22.15 23.26
N THR A 360 12.64 -23.27 23.62
CA THR A 360 12.43 -24.50 22.81
C THR A 360 10.92 -24.59 22.54
N SER A 361 10.56 -24.88 21.30
CA SER A 361 9.15 -25.05 20.88
C SER A 361 8.67 -26.41 21.36
N PRO A 362 7.38 -26.63 21.66
CA PRO A 362 6.91 -27.89 22.23
C PRO A 362 7.13 -29.09 21.29
N GLN A 363 6.94 -30.30 21.80
CA GLN A 363 7.02 -31.54 20.99
C GLN A 363 5.88 -31.54 19.96
N ILE A 364 6.20 -31.79 18.69
CA ILE A 364 5.16 -31.73 17.61
C ILE A 364 4.15 -32.86 17.77
N ASP A 365 2.86 -32.56 17.60
CA ASP A 365 1.83 -33.63 17.63
C ASP A 365 1.58 -34.04 16.19
N ARG A 366 1.78 -35.31 15.84
CA ARG A 366 1.67 -35.75 14.43
C ARG A 366 0.26 -36.28 14.15
N ASN A 367 -0.65 -36.18 15.12
CA ASN A 367 -2.02 -36.75 14.94
C ASN A 367 -2.70 -36.07 13.75
N ILE A 368 -3.36 -36.85 12.89
CA ILE A 368 -4.11 -36.29 11.72
C ILE A 368 -5.59 -36.33 12.06
N ILE A 369 -6.21 -35.18 12.32
CA ILE A 369 -7.64 -35.14 12.75
C ILE A 369 -8.47 -34.42 11.68
N GLN A 371 -10.97 -35.83 10.68
CA GLN A 371 -11.43 -36.21 9.33
C GLN A 371 -12.22 -37.53 9.42
N ASP A 372 -12.59 -38.10 8.27
CA ASP A 372 -13.31 -39.40 8.25
C ASP A 372 -14.59 -39.27 9.09
N LYS A 373 -14.80 -40.20 10.02
CA LYS A 373 -16.02 -40.18 10.87
C LYS A 373 -16.03 -38.92 11.73
N LEU A 374 -17.19 -38.28 11.86
CA LEU A 374 -17.33 -37.05 12.70
C LEU A 374 -18.73 -37.04 13.32
N GLU A 375 -18.96 -36.18 14.31
CA GLU A 375 -20.28 -36.12 14.99
C GLU A 375 -21.35 -35.73 13.98
N THR A 376 -21.06 -34.76 13.10
CA THR A 376 -22.01 -34.33 12.04
C THR A 376 -23.37 -33.97 12.67
N LEU A 377 -23.35 -33.29 13.81
CA LEU A 377 -24.61 -32.90 14.49
C LEU A 377 -25.29 -31.79 13.69
N GLU A 378 -26.62 -31.85 13.56
CA GLU A 378 -27.37 -30.77 12.86
C GLU A 378 -28.53 -30.31 13.75
N SER A 379 -28.21 -29.65 14.88
CA SER A 379 -29.25 -29.10 15.77
C SER A 379 -29.28 -27.60 15.49
N ASP A 380 -28.77 -27.19 14.32
CA ASP A 380 -28.62 -25.75 13.96
C ASP A 380 -27.27 -25.31 14.50
N ILE A 381 -26.59 -26.20 15.23
CA ILE A 381 -25.20 -25.91 15.70
C ILE A 381 -24.33 -25.84 14.44
N LYS A 382 -24.53 -26.77 13.51
CA LYS A 382 -23.77 -26.74 12.23
C LYS A 382 -24.16 -25.46 11.48
N GLY A 383 -25.44 -25.11 11.51
CA GLY A 383 -25.91 -23.87 10.84
C GLY A 383 -25.29 -22.64 11.46
N LYS A 384 -25.18 -22.62 12.79
CA LYS A 384 -24.59 -21.46 13.50
C LYS A 384 -23.09 -21.41 13.18
N LEU A 385 -22.46 -22.58 13.07
CA LEU A 385 -21.02 -22.62 12.68
C LEU A 385 -20.88 -22.07 11.26
N LEU A 386 -21.77 -22.47 10.35
CA LEU A 386 -21.73 -21.96 8.96
C LEU A 386 -22.01 -20.45 8.95
N ASP A 387 -22.93 -20.00 9.80
CA ASP A 387 -23.25 -18.55 9.88
C ASP A 387 -21.98 -17.76 10.20
N ILE A 388 -21.23 -18.21 11.22
CA ILE A 388 -20.00 -17.47 11.64
C ILE A 388 -18.90 -17.71 10.59
N ILE A 389 -18.91 -18.86 9.92
CA ILE A 389 -17.95 -19.11 8.81
C ILE A 389 -18.23 -18.10 7.69
N HIS A 390 -19.50 -17.82 7.41
CA HIS A 390 -19.86 -16.91 6.29
C HIS A 390 -19.99 -15.46 6.80
N ARG A 391 -19.58 -15.20 8.04
CA ARG A 391 -19.59 -13.81 8.58
C ARG A 391 -18.59 -12.96 7.76
N ASP A 392 -18.88 -11.68 7.58
CA ASP A 392 -18.01 -10.80 6.75
C ASP A 392 -16.55 -10.94 7.18
N SER A 393 -16.31 -10.92 8.48
CA SER A 393 -14.97 -10.78 9.08
C SER A 393 -14.96 -11.31 10.52
N SER A 394 -13.76 -11.31 11.12
CA SER A 394 -13.52 -11.52 12.58
C SER A 394 -13.86 -10.26 13.38
N PHE A 395 -14.08 -9.10 12.76
CA PHE A 395 -14.39 -7.85 13.51
C PHE A 395 -15.78 -7.97 14.14
N GLY A 396 -15.93 -7.55 15.40
CA GLY A 396 -17.21 -7.54 16.14
C GLY A 396 -17.62 -8.88 16.78
N LEU A 397 -16.79 -9.94 16.65
CA LEU A 397 -17.11 -11.36 16.98
C LEU A 397 -17.12 -11.56 18.49
N SER A 398 -18.31 -11.88 19.08
CA SER A 398 -18.53 -11.86 20.57
C SER A 398 -17.79 -13.03 21.19
N LYS A 399 -17.32 -12.86 22.42
CA LYS A 399 -16.54 -13.91 23.15
C LYS A 399 -17.21 -15.28 23.01
N GLU A 400 -18.56 -15.35 22.85
CA GLU A 400 -19.40 -16.60 22.80
C GLU A 400 -19.18 -17.35 21.47
N ASP A 401 -19.34 -16.58 20.39
CA ASP A 401 -19.05 -16.98 19.00
C ASP A 401 -17.59 -17.51 18.98
N LYS A 402 -16.72 -16.98 19.85
CA LYS A 402 -15.29 -17.36 19.86
C LYS A 402 -15.10 -18.79 20.39
N VAL A 403 -15.50 -19.09 21.62
CA VAL A 403 -15.38 -20.47 22.20
C VAL A 403 -16.06 -21.49 21.26
N PHE A 404 -17.18 -21.13 20.64
CA PHE A 404 -17.99 -22.10 19.85
C PHE A 404 -17.15 -22.60 18.67
N LEU A 405 -16.53 -21.63 17.99
CA LEU A 405 -15.70 -21.86 16.78
C LEU A 405 -14.52 -22.76 17.17
N TRP A 406 -13.87 -22.38 18.26
CA TRP A 406 -12.63 -23.00 18.77
C TRP A 406 -12.85 -24.51 18.98
N GLU A 407 -14.04 -24.92 19.45
CA GLU A 407 -14.43 -26.36 19.65
C GLU A 407 -14.70 -27.03 18.29
N ASN A 408 -15.42 -26.36 17.39
CA ASN A 408 -15.85 -27.00 16.12
C ASN A 408 -14.81 -26.66 15.06
N ARG A 409 -13.61 -26.26 15.49
CA ARG A 409 -12.52 -25.80 14.58
C ARG A 409 -12.15 -26.93 13.60
N TYR A 410 -12.15 -28.19 14.02
CA TYR A 410 -11.76 -29.33 13.16
C TYR A 410 -12.87 -29.60 12.12
N TYR A 411 -14.08 -29.03 12.28
CA TYR A 411 -15.22 -29.13 11.31
C TYR A 411 -15.12 -28.06 10.21
N CYS A 412 -14.53 -26.91 10.55
CA CYS A 412 -14.21 -25.76 9.64
C CYS A 412 -13.08 -26.07 8.62
N LEU A 413 -12.42 -27.23 8.64
CA LEU A 413 -11.29 -27.63 7.74
C LEU A 413 -11.69 -27.61 6.25
N LYS A 414 -12.98 -27.47 5.95
CA LYS A 414 -13.56 -27.41 4.58
C LYS A 414 -13.50 -25.97 4.01
N HIS A 415 -13.38 -24.95 4.87
CA HIS A 415 -13.46 -23.50 4.55
C HIS A 415 -12.15 -22.78 4.94
N PRO A 416 -11.09 -22.87 4.09
CA PRO A 416 -9.73 -22.48 4.51
C PRO A 416 -9.59 -21.02 4.99
N ASN A 417 -10.34 -20.12 4.34
CA ASN A 417 -10.18 -18.65 4.53
C ASN A 417 -10.76 -18.21 5.88
N CYS A 418 -11.24 -19.14 6.71
CA CYS A 418 -11.82 -18.81 8.03
C CYS A 418 -10.76 -19.00 9.14
N LEU A 419 -9.62 -19.61 8.81
CA LEU A 419 -8.57 -19.86 9.83
C LEU A 419 -8.37 -18.61 10.69
N PRO A 420 -8.36 -17.38 10.11
CA PRO A 420 -8.12 -16.18 10.91
C PRO A 420 -9.15 -16.04 12.03
N LYS A 421 -10.45 -16.26 11.76
CA LYS A 421 -11.50 -16.26 12.81
C LYS A 421 -11.13 -17.30 13.90
N ILE A 422 -10.72 -18.49 13.48
CA ILE A 422 -10.32 -19.56 14.42
C ILE A 422 -9.16 -19.05 15.28
N LEU A 423 -8.07 -18.56 14.71
CA LEU A 423 -6.87 -18.22 15.52
C LEU A 423 -7.18 -17.07 16.47
N ALA A 424 -8.11 -16.18 16.10
CA ALA A 424 -8.44 -14.95 16.86
C ALA A 424 -9.40 -15.29 18.00
N SER A 425 -9.87 -16.55 17.99
CA SER A 425 -10.88 -17.12 18.93
C SER A 425 -10.22 -18.20 19.81
N ALA A 426 -8.89 -18.30 19.74
CA ALA A 426 -8.00 -19.08 20.65
C ALA A 426 -8.12 -18.55 22.07
N PRO A 427 -8.17 -19.44 23.10
CA PRO A 427 -8.25 -18.99 24.49
C PRO A 427 -6.95 -18.28 24.91
N ASN A 428 -5.80 -18.75 24.45
CA ASN A 428 -4.49 -18.14 24.82
C ASN A 428 -3.37 -18.67 23.90
N TRP A 429 -2.13 -18.19 24.11
CA TRP A 429 -0.93 -18.68 23.38
C TRP A 429 0.10 -19.26 24.39
N LYS A 430 -0.40 -20.04 25.35
CA LYS A 430 0.42 -20.64 26.44
C LYS A 430 1.22 -21.80 25.83
N TRP A 431 2.47 -21.99 26.26
CA TRP A 431 3.37 -23.06 25.76
C TRP A 431 2.60 -24.36 25.55
N ALA A 432 1.82 -24.78 26.53
CA ALA A 432 1.15 -26.10 26.56
C ALA A 432 0.32 -26.24 25.29
N ASN A 433 -0.51 -25.22 25.02
CA ASN A 433 -1.58 -25.23 23.98
C ASN A 433 -1.03 -25.02 22.56
N LEU A 434 0.26 -24.71 22.38
CA LEU A 434 0.83 -24.41 21.03
C LEU A 434 0.84 -25.68 20.18
N ALA A 435 1.16 -26.83 20.79
CA ALA A 435 1.31 -28.14 20.11
C ALA A 435 0.05 -28.48 19.28
N LYS A 436 -1.16 -28.19 19.81
CA LYS A 436 -2.43 -28.58 19.14
C LYS A 436 -2.84 -27.52 18.12
N THR A 437 -2.46 -26.27 18.38
CA THR A 437 -2.69 -25.16 17.43
C THR A 437 -1.74 -25.38 16.24
N TYR A 438 -0.48 -25.82 16.47
CA TYR A 438 0.49 -26.07 15.37
C TYR A 438 0.05 -27.28 14.54
N SER A 439 -0.41 -28.38 15.17
CA SER A 439 -0.91 -29.60 14.45
C SER A 439 -1.98 -29.21 13.43
N LEU A 440 -3.00 -28.47 13.88
CA LEU A 440 -4.05 -27.92 12.99
C LEU A 440 -3.41 -27.22 11.78
N LEU A 441 -2.56 -26.21 12.06
CA LEU A 441 -1.91 -25.34 11.06
C LEU A 441 -1.26 -26.19 9.99
N HIS A 442 -0.62 -27.31 10.35
CA HIS A 442 0.18 -28.09 9.36
C HIS A 442 -0.76 -28.91 8.48
N GLN A 443 -1.92 -29.35 9.00
CA GLN A 443 -2.90 -30.13 8.20
C GLN A 443 -3.89 -29.17 7.54
N TRP A 444 -3.83 -27.88 7.83
CA TRP A 444 -4.80 -26.89 7.28
C TRP A 444 -4.58 -26.69 5.78
N PRO A 445 -5.66 -26.59 4.96
CA PRO A 445 -5.54 -26.39 3.51
C PRO A 445 -5.03 -25.00 3.15
N PRO A 446 -4.41 -24.80 1.96
CA PRO A 446 -3.85 -23.51 1.59
C PRO A 446 -4.88 -22.37 1.56
N LEU A 447 -4.50 -21.19 2.04
CA LEU A 447 -5.43 -20.02 2.11
C LEU A 447 -5.24 -19.16 0.86
N CYS A 448 -6.26 -18.40 0.47
CA CYS A 448 -6.11 -17.34 -0.57
C CYS A 448 -5.08 -16.32 -0.04
N PRO A 449 -4.17 -15.81 -0.89
CA PRO A 449 -3.16 -14.85 -0.44
C PRO A 449 -3.75 -13.63 0.26
N LEU A 450 -4.81 -13.06 -0.32
CA LEU A 450 -5.51 -11.90 0.29
C LEU A 450 -6.09 -12.28 1.67
N ALA A 451 -6.60 -13.49 1.85
CA ALA A 451 -7.14 -13.95 3.13
C ALA A 451 -5.98 -14.05 4.14
N ALA A 452 -4.85 -14.59 3.68
CA ALA A 452 -3.67 -14.81 4.56
C ALA A 452 -3.13 -13.47 5.06
N LEU A 453 -3.34 -12.41 4.31
CA LEU A 453 -2.85 -11.06 4.72
C LEU A 453 -3.20 -10.77 6.19
N GLU A 454 -4.33 -11.26 6.69
CA GLU A 454 -4.75 -10.88 8.07
C GLU A 454 -3.75 -11.47 9.08
N LEU A 455 -3.09 -12.54 8.68
CA LEU A 455 -2.16 -13.32 9.51
C LEU A 455 -0.78 -12.68 9.53
N LEU A 456 -0.63 -11.48 8.99
CA LEU A 456 0.60 -10.70 9.11
C LEU A 456 0.25 -9.42 9.81
N ASP A 457 -0.97 -9.35 10.34
CA ASP A 457 -1.31 -8.16 11.15
C ASP A 457 -0.65 -8.34 12.53
N ALA A 458 -0.74 -7.34 13.40
CA ALA A 458 -0.13 -7.33 14.76
C ALA A 458 -0.74 -8.40 15.62
N LYS A 459 -2.06 -8.57 15.50
CA LYS A 459 -2.90 -9.56 16.23
C LYS A 459 -2.22 -10.94 16.26
N PHE A 460 -1.55 -11.39 15.19
CA PHE A 460 -0.87 -12.72 15.14
C PHE A 460 0.65 -12.52 15.01
N ALA A 461 1.35 -12.68 16.12
CA ALA A 461 2.80 -12.43 16.28
C ALA A 461 3.52 -13.76 16.25
N ASP A 462 2.80 -14.87 16.32
CA ASP A 462 3.42 -16.21 16.37
C ASP A 462 4.20 -16.45 15.09
N GLN A 463 5.44 -16.88 15.21
CA GLN A 463 6.42 -17.00 14.10
C GLN A 463 6.08 -18.12 13.14
N GLU A 464 5.28 -19.11 13.54
CA GLU A 464 4.89 -20.27 12.68
C GLU A 464 3.66 -19.87 11.85
N VAL A 465 2.67 -19.21 12.47
CA VAL A 465 1.46 -18.66 11.80
C VAL A 465 1.95 -17.76 10.67
N ARG A 466 2.69 -16.71 11.01
CA ARG A 466 3.23 -15.69 10.06
C ARG A 466 4.02 -16.33 8.92
N SER A 467 4.91 -17.24 9.25
CA SER A 467 5.77 -17.92 8.27
C SER A 467 4.92 -18.79 7.34
N LEU A 468 3.81 -19.32 7.83
CA LEU A 468 2.90 -20.19 7.04
C LEU A 468 2.00 -19.29 6.17
N ALA A 469 1.58 -18.16 6.71
CA ALA A 469 0.85 -17.14 5.94
C ALA A 469 1.72 -16.73 4.78
N VAL A 470 3.03 -16.61 4.97
CA VAL A 470 3.94 -16.14 3.88
C VAL A 470 4.02 -17.27 2.85
N SER A 471 4.00 -18.55 3.24
CA SER A 471 4.10 -19.67 2.27
C SER A 471 2.86 -19.68 1.33
N TRP A 472 1.67 -19.39 1.84
CA TRP A 472 0.40 -19.35 1.05
C TRP A 472 0.42 -18.19 0.05
N MET A 473 1.10 -17.13 0.44
CA MET A 473 1.16 -15.84 -0.29
C MET A 473 2.05 -16.02 -1.52
N GLU A 474 2.95 -17.01 -1.55
CA GLU A 474 3.79 -17.26 -2.75
C GLU A 474 2.89 -17.39 -3.96
N ALA A 475 1.65 -17.86 -3.79
CA ALA A 475 0.62 -18.04 -4.85
C ALA A 475 0.36 -16.74 -5.63
N ILE A 476 0.62 -15.55 -5.06
CA ILE A 476 0.13 -14.25 -5.60
C ILE A 476 0.99 -13.81 -6.78
N SER A 477 0.39 -13.15 -7.76
CA SER A 477 1.08 -12.63 -8.97
C SER A 477 1.85 -11.35 -8.61
N ASP A 478 2.99 -11.11 -9.23
CA ASP A 478 3.71 -9.81 -9.08
C ASP A 478 2.72 -8.66 -9.31
N ASP A 479 1.80 -8.82 -10.25
CA ASP A 479 0.95 -7.70 -10.75
C ASP A 479 -0.03 -7.24 -9.67
N GLU A 480 -0.58 -8.19 -8.90
CA GLU A 480 -1.43 -7.90 -7.72
C GLU A 480 -0.61 -7.47 -6.48
N LEU A 481 0.53 -8.08 -6.18
CA LEU A 481 1.36 -7.69 -5.02
C LEU A 481 1.76 -6.22 -5.15
N ALA A 482 1.98 -5.76 -6.37
CA ALA A 482 2.55 -4.41 -6.59
C ALA A 482 1.62 -3.35 -5.99
N ASP A 483 0.33 -3.57 -6.07
CA ASP A 483 -0.64 -2.58 -5.55
C ASP A 483 -0.84 -2.80 -4.05
N LEU A 484 -0.30 -3.89 -3.52
CA LEU A 484 -0.44 -4.21 -2.07
C LEU A 484 0.85 -3.94 -1.28
N LEU A 485 1.89 -3.35 -1.84
CA LEU A 485 3.20 -3.28 -1.17
C LEU A 485 3.19 -2.40 0.07
N PRO A 486 2.46 -1.28 0.14
CA PRO A 486 2.47 -0.45 1.34
C PRO A 486 2.11 -1.22 2.61
N GLN A 487 1.02 -2.00 2.52
CA GLN A 487 0.50 -2.88 3.60
C GLN A 487 1.61 -3.82 4.06
N PHE A 488 2.33 -4.41 3.12
CA PHE A 488 3.39 -5.42 3.38
C PHE A 488 4.56 -4.74 4.06
N VAL A 489 4.80 -3.48 3.74
CA VAL A 489 5.96 -2.73 4.32
C VAL A 489 5.60 -2.38 5.77
N GLN A 490 4.35 -2.03 6.05
CA GLN A 490 3.86 -1.78 7.43
C GLN A 490 3.94 -3.08 8.24
N ALA A 491 3.46 -4.20 7.69
CA ALA A 491 3.47 -5.50 8.42
C ALA A 491 4.86 -5.81 8.95
N LEU A 492 5.91 -5.23 8.38
CA LEU A 492 7.32 -5.56 8.75
C LEU A 492 7.57 -5.10 10.21
N LYS A 493 6.71 -4.21 10.71
CA LYS A 493 6.73 -3.70 12.09
C LYS A 493 6.22 -4.75 13.05
N TYR A 494 5.74 -5.90 12.60
CA TYR A 494 5.17 -6.94 13.49
C TYR A 494 6.04 -8.21 13.45
N GLU A 495 7.16 -8.13 12.72
CA GLU A 495 8.27 -9.11 12.80
C GLU A 495 9.23 -8.55 13.84
N ILE A 496 9.49 -9.31 14.90
CA ILE A 496 10.38 -8.85 16.04
C ILE A 496 11.84 -9.06 15.65
N TYR A 497 12.10 -9.95 14.71
CA TYR A 497 13.41 -10.34 14.15
C TYR A 497 13.64 -9.70 12.76
N LEU A 498 14.90 -9.35 12.47
CA LEU A 498 15.32 -8.64 11.22
C LEU A 498 15.16 -9.59 10.04
N ASN A 499 15.70 -10.77 10.17
CA ASN A 499 15.44 -11.85 9.18
C ASN A 499 14.04 -12.37 9.54
N SER A 500 13.20 -12.71 8.54
CA SER A 500 11.82 -13.25 8.71
C SER A 500 11.36 -13.79 7.39
N SER A 501 10.46 -14.75 7.39
CA SER A 501 9.83 -15.20 6.11
C SER A 501 9.36 -13.99 5.27
N LEU A 502 8.72 -13.00 5.89
CA LEU A 502 8.15 -11.86 5.14
C LEU A 502 9.23 -11.14 4.34
N VAL A 503 10.31 -10.68 4.95
CA VAL A 503 11.23 -9.71 4.33
C VAL A 503 11.99 -10.46 3.24
N ARG A 504 12.05 -11.78 3.33
CA ARG A 504 12.72 -12.64 2.30
C ARG A 504 11.77 -12.73 1.11
N PHE A 505 10.50 -13.06 1.36
CA PHE A 505 9.42 -12.99 0.35
C PHE A 505 9.46 -11.65 -0.40
N LEU A 506 9.45 -10.50 0.29
CA LEU A 506 9.47 -9.19 -0.43
C LEU A 506 10.80 -8.96 -1.17
N LEU A 507 11.94 -9.32 -0.58
CA LEU A 507 13.24 -9.11 -1.25
C LEU A 507 13.32 -10.08 -2.43
N SER A 508 12.79 -11.29 -2.32
CA SER A 508 12.88 -12.23 -3.45
C SER A 508 11.91 -11.76 -4.54
N ARG A 509 10.76 -11.22 -4.20
CA ARG A 509 9.87 -10.66 -5.24
C ARG A 509 10.58 -9.51 -5.94
N ALA A 510 11.38 -8.72 -5.25
CA ALA A 510 12.01 -7.50 -5.81
C ALA A 510 13.13 -7.90 -6.76
N LEU A 511 13.90 -8.87 -6.37
CA LEU A 511 14.91 -9.45 -7.24
C LEU A 511 14.24 -9.83 -8.56
N GLY A 512 13.11 -10.52 -8.49
CA GLY A 512 12.48 -11.16 -9.66
C GLY A 512 11.61 -10.21 -10.46
N ASN A 513 11.36 -9.00 -10.00
CA ASN A 513 10.45 -8.05 -10.68
C ASN A 513 10.78 -6.60 -10.34
N ILE A 514 11.18 -5.83 -11.32
CA ILE A 514 11.74 -4.45 -11.19
C ILE A 514 10.69 -3.44 -10.76
N GLN A 515 9.39 -3.63 -11.04
CA GLN A 515 8.36 -2.64 -10.59
C GLN A 515 8.27 -2.72 -9.06
N ILE A 516 8.40 -3.94 -8.58
CA ILE A 516 8.25 -4.23 -7.15
C ILE A 516 9.44 -3.69 -6.40
N ALA A 517 10.65 -3.89 -6.92
CA ALA A 517 11.88 -3.30 -6.35
C ALA A 517 11.70 -1.79 -6.35
N HIS A 518 11.11 -1.25 -7.40
CA HIS A 518 11.02 0.22 -7.53
C HIS A 518 10.12 0.69 -6.39
N SER A 519 9.00 0.02 -6.13
CA SER A 519 7.94 0.57 -5.26
C SER A 519 8.39 0.36 -3.83
N LEU A 520 8.90 -0.85 -3.53
CA LEU A 520 9.61 -1.11 -2.23
C LEU A 520 10.56 0.04 -1.94
N TYR A 521 11.44 0.38 -2.88
CA TYR A 521 12.39 1.49 -2.64
C TYR A 521 11.64 2.69 -2.04
N TRP A 522 10.65 3.23 -2.74
CA TRP A 522 10.00 4.51 -2.35
C TRP A 522 9.25 4.32 -1.02
N LEU A 523 8.73 3.11 -0.76
CA LEU A 523 7.93 2.87 0.46
C LEU A 523 8.85 2.70 1.68
N LEU A 524 9.97 1.99 1.54
CA LEU A 524 10.95 1.86 2.65
C LEU A 524 11.53 3.26 2.91
N LYS A 525 11.93 4.01 1.92
CA LYS A 525 12.47 5.35 2.20
C LYS A 525 11.49 6.17 3.05
N ASP A 526 10.19 6.02 2.81
CA ASP A 526 9.13 6.83 3.44
C ASP A 526 8.85 6.30 4.85
N ALA A 527 9.23 5.05 5.14
CA ALA A 527 9.09 4.44 6.48
C ALA A 527 10.30 4.80 7.37
N LEU A 528 11.49 5.05 6.81
CA LEU A 528 12.69 5.51 7.58
C LEU A 528 12.30 6.64 8.55
N HIS A 529 11.32 7.45 8.22
CA HIS A 529 10.95 8.65 9.03
C HIS A 529 10.21 8.27 10.33
N ASP A 530 9.69 7.03 10.49
CA ASP A 530 9.08 6.56 11.78
C ASP A 530 10.25 6.40 12.78
N THR A 531 10.29 7.21 13.86
CA THR A 531 11.46 7.32 14.81
C THR A 531 11.72 5.99 15.52
N HIS A 532 10.65 5.24 15.86
CA HIS A 532 10.66 3.93 16.55
C HIS A 532 11.18 2.80 15.65
N PHE A 533 10.87 2.76 14.35
CA PHE A 533 11.24 1.63 13.43
C PHE A 533 12.25 2.04 12.36
N GLY A 534 12.72 3.28 12.44
CA GLY A 534 13.75 3.87 11.55
C GLY A 534 14.94 2.97 11.31
N SER A 535 15.42 2.22 12.31
CA SER A 535 16.66 1.39 12.20
C SER A 535 16.36 0.07 11.51
N ARG A 536 15.23 -0.57 11.84
CA ARG A 536 14.77 -1.79 11.16
C ARG A 536 14.71 -1.52 9.65
N TYR A 537 14.10 -0.40 9.26
CA TYR A 537 13.82 -0.13 7.83
C TYR A 537 15.13 0.24 7.13
N GLU A 538 16.04 0.94 7.82
CA GLU A 538 17.40 1.16 7.29
C GLU A 538 18.03 -0.18 6.84
N HIS A 539 17.95 -1.26 7.60
CA HIS A 539 18.62 -2.54 7.23
C HIS A 539 17.87 -3.20 6.06
N VAL A 540 16.54 -3.05 5.99
CA VAL A 540 15.71 -3.68 4.92
C VAL A 540 16.01 -2.95 3.61
N LEU A 541 15.99 -1.61 3.65
CA LEU A 541 16.41 -0.77 2.48
C LEU A 541 17.81 -1.14 2.00
N GLY A 542 18.77 -1.25 2.92
CA GLY A 542 20.19 -1.52 2.59
C GLY A 542 20.32 -2.84 1.86
N ALA A 543 19.49 -3.80 2.24
CA ALA A 543 19.54 -5.16 1.66
C ALA A 543 18.95 -5.09 0.23
N LEU A 544 17.81 -4.39 0.04
CA LEU A 544 17.15 -4.13 -1.26
C LEU A 544 18.17 -3.42 -2.16
N LEU A 545 18.60 -2.20 -1.80
CA LEU A 545 19.63 -1.46 -2.57
C LEU A 545 20.83 -2.37 -2.89
N SER A 546 21.31 -3.17 -1.94
CA SER A 546 22.48 -4.05 -2.19
C SER A 546 22.12 -5.05 -3.30
N VAL A 547 21.09 -5.85 -3.06
CA VAL A 547 20.68 -7.01 -3.90
C VAL A 547 20.07 -6.54 -5.25
N GLY A 548 19.91 -5.24 -5.48
CA GLY A 548 19.28 -4.71 -6.71
C GLY A 548 20.25 -4.55 -7.86
N GLY A 549 21.54 -4.40 -7.53
CA GLY A 549 22.63 -4.25 -8.52
C GLY A 549 23.03 -2.80 -8.77
N LYS A 550 24.18 -2.63 -9.46
CA LYS A 550 24.82 -1.32 -9.82
C LYS A 550 23.78 -0.58 -10.66
N GLY A 551 23.21 -1.30 -11.64
CA GLY A 551 22.22 -0.79 -12.62
C GLY A 551 21.05 -0.17 -11.89
N LEU A 552 20.30 -0.98 -11.14
CA LEU A 552 19.14 -0.44 -10.41
C LEU A 552 19.52 0.80 -9.60
N ARG A 553 20.55 0.75 -8.73
CA ARG A 553 20.92 1.84 -7.76
C ARG A 553 21.22 3.19 -8.44
N GLU A 554 22.01 3.17 -9.50
CA GLU A 554 22.36 4.42 -10.23
C GLU A 554 21.04 5.05 -10.71
N GLU A 555 20.06 4.32 -11.24
CA GLU A 555 18.81 5.00 -11.66
C GLU A 555 18.11 5.54 -10.41
N LEU A 556 18.05 4.77 -9.34
CA LEU A 556 17.37 5.25 -8.10
C LEU A 556 18.06 6.52 -7.58
N SER A 557 19.38 6.65 -7.70
CA SER A 557 20.13 7.86 -7.26
C SER A 557 19.73 9.08 -8.07
N LYS A 558 19.69 8.94 -9.38
CA LYS A 558 19.26 10.02 -10.31
C LYS A 558 17.83 10.42 -9.94
N GLN A 559 16.99 9.42 -9.60
CA GLN A 559 15.55 9.60 -9.29
C GLN A 559 15.46 10.37 -7.95
N MET A 560 16.25 9.95 -6.96
CA MET A 560 16.35 10.69 -5.68
C MET A 560 16.80 12.12 -5.96
N LYS A 561 17.77 12.28 -6.85
CA LYS A 561 18.41 13.61 -7.08
C LYS A 561 17.34 14.51 -7.70
N LEU A 562 16.55 13.98 -8.63
CA LEU A 562 15.50 14.75 -9.36
C LEU A 562 14.48 15.26 -8.34
N VAL A 563 13.97 14.38 -7.47
CA VAL A 563 12.87 14.83 -6.58
C VAL A 563 13.43 15.92 -5.64
N GLN A 564 14.64 15.80 -5.16
CA GLN A 564 15.18 16.79 -4.20
C GLN A 564 15.24 18.17 -4.86
N LEU A 565 15.71 18.21 -6.09
CA LEU A 565 15.81 19.49 -6.86
C LEU A 565 14.41 20.05 -7.05
N LEU A 566 13.45 19.19 -7.38
CA LEU A 566 12.06 19.65 -7.63
C LEU A 566 11.51 20.25 -6.33
N GLY A 567 11.79 19.60 -5.20
CA GLY A 567 11.33 20.09 -3.89
C GLY A 567 11.93 21.44 -3.59
N GLY A 568 13.24 21.62 -3.88
CA GLY A 568 13.90 22.92 -3.68
C GLY A 568 13.17 23.97 -4.51
N VAL A 569 12.87 23.63 -5.77
CA VAL A 569 12.21 24.58 -6.71
C VAL A 569 10.86 24.97 -6.12
N ALA A 570 10.12 23.99 -5.61
CA ALA A 570 8.76 24.24 -5.09
C ALA A 570 8.86 25.18 -3.87
N GLU A 571 9.76 24.87 -2.93
CA GLU A 571 9.96 25.72 -1.72
C GLU A 571 10.19 27.16 -2.16
N LYS A 572 11.13 27.38 -3.09
CA LYS A 572 11.52 28.75 -3.50
C LYS A 572 10.31 29.44 -4.17
N VAL A 573 9.53 28.71 -4.98
CA VAL A 573 8.36 29.30 -5.68
C VAL A 573 7.35 29.76 -4.63
N ARG A 574 7.10 28.93 -3.61
CA ARG A 574 6.16 29.33 -2.51
C ARG A 574 6.73 30.56 -1.77
N GLN A 575 8.05 30.56 -1.51
CA GLN A 575 8.71 31.68 -0.80
C GLN A 575 8.59 32.97 -1.62
N ALA A 576 8.71 32.86 -2.95
CA ALA A 576 8.60 34.05 -3.83
C ALA A 576 7.20 34.63 -3.69
N SER A 577 7.08 35.96 -3.71
CA SER A 577 5.77 36.60 -3.45
C SER A 577 5.26 37.34 -4.69
N GLY A 578 4.01 37.08 -5.07
CA GLY A 578 3.35 37.80 -6.17
C GLY A 578 4.13 37.71 -7.48
N SER A 579 4.45 38.83 -8.09
CA SER A 579 5.05 38.83 -9.46
C SER A 579 6.49 38.32 -9.24
N THR A 580 7.28 38.05 -10.28
CA THR A 580 8.66 37.50 -10.17
C THR A 580 8.63 36.05 -9.63
N ARG A 581 7.45 35.52 -9.27
CA ARG A 581 7.31 34.09 -8.92
C ARG A 581 7.67 33.27 -10.17
N GLN A 582 7.18 33.66 -11.36
CA GLN A 582 7.52 32.94 -12.61
C GLN A 582 9.03 33.06 -12.86
N VAL A 583 9.59 34.26 -12.65
CA VAL A 583 11.05 34.47 -12.85
C VAL A 583 11.82 33.60 -11.86
N VAL A 584 11.35 33.48 -10.62
CA VAL A 584 12.01 32.61 -9.62
C VAL A 584 11.92 31.17 -10.12
N LEU A 585 10.77 30.78 -10.67
CA LEU A 585 10.58 29.39 -11.15
C LEU A 585 11.61 29.11 -12.25
N GLN A 586 11.75 30.02 -13.22
CA GLN A 586 12.68 29.80 -14.36
C GLN A 586 14.13 29.72 -13.82
N LYS A 587 14.50 30.59 -12.89
CA LYS A 587 15.86 30.62 -12.33
C LYS A 587 16.13 29.33 -11.56
N SER A 588 15.18 28.85 -10.77
CA SER A 588 15.41 27.65 -9.92
C SER A 588 15.38 26.40 -10.81
N MET A 589 14.59 26.47 -11.89
CA MET A 589 14.43 25.30 -12.78
C MET A 589 15.70 25.06 -13.56
N GLU A 590 16.53 26.08 -13.76
CA GLU A 590 17.80 26.01 -14.55
C GLU A 590 18.75 24.97 -13.93
N ARG A 591 18.78 24.83 -12.61
CA ARG A 591 19.52 23.71 -11.93
C ARG A 591 18.97 22.34 -12.39
N VAL A 592 17.68 22.19 -12.67
CA VAL A 592 17.13 20.90 -13.17
C VAL A 592 17.52 20.73 -14.65
N GLN A 593 17.53 21.83 -15.39
CA GLN A 593 18.06 21.90 -16.78
C GLN A 593 19.49 21.38 -16.79
N SER A 594 20.34 21.87 -15.86
CA SER A 594 21.75 21.45 -15.65
C SER A 594 21.80 19.96 -15.30
N PHE A 595 20.85 19.47 -14.51
CA PHE A 595 20.76 18.05 -14.04
C PHE A 595 20.48 17.08 -15.22
N PHE A 596 19.57 17.45 -16.14
CA PHE A 596 19.21 16.69 -17.36
C PHE A 596 20.34 16.76 -18.40
N LEU A 597 21.05 17.88 -18.52
CA LEU A 597 22.31 18.03 -19.35
C LEU A 597 23.35 16.94 -19.03
N ARG A 598 23.38 16.31 -17.86
CA ARG A 598 24.46 15.33 -17.51
C ARG A 598 23.88 13.96 -17.14
N ASN A 599 22.58 13.74 -17.40
CA ASN A 599 21.75 12.57 -16.94
C ASN A 599 20.47 12.46 -17.76
N LYS A 600 20.21 11.30 -18.33
CA LYS A 600 18.82 10.86 -18.64
C LYS A 600 18.26 10.36 -17.29
N CYS A 601 17.02 10.59 -16.98
CA CYS A 601 16.45 10.14 -15.71
C CYS A 601 15.07 9.53 -15.94
N ARG A 602 14.74 8.48 -15.21
CA ARG A 602 13.40 7.80 -15.32
C ARG A 602 12.45 8.52 -14.36
N LEU A 603 11.17 8.55 -14.67
CA LEU A 603 10.22 9.33 -13.87
C LEU A 603 9.85 8.53 -12.64
N PRO A 604 10.10 9.06 -11.42
CA PRO A 604 9.77 8.31 -10.20
C PRO A 604 8.35 7.73 -10.19
N LEU A 605 7.36 8.50 -10.65
CA LEU A 605 5.91 8.14 -10.64
C LEU A 605 5.64 6.94 -11.57
N LYS A 606 6.47 6.76 -12.59
CA LYS A 606 6.21 5.79 -13.67
C LYS A 606 7.54 5.51 -14.36
N PRO A 607 8.40 4.71 -13.75
CA PRO A 607 9.79 4.65 -14.19
C PRO A 607 9.98 4.13 -15.62
N SER A 608 8.88 3.83 -16.32
CA SER A 608 8.91 3.39 -17.76
C SER A 608 9.23 4.60 -18.62
N LEU A 609 8.89 5.80 -18.13
CA LEU A 609 9.06 7.07 -18.88
C LEU A 609 10.44 7.56 -18.59
N VAL A 610 11.16 7.95 -19.64
CA VAL A 610 12.56 8.45 -19.51
C VAL A 610 12.57 9.88 -19.97
N ALA A 611 12.72 10.81 -19.04
CA ALA A 611 12.91 12.25 -19.38
C ALA A 611 14.38 12.45 -19.75
N LYS A 612 14.66 13.36 -20.66
CA LYS A 612 16.07 13.66 -21.07
C LYS A 612 16.36 15.14 -20.88
N GLU A 613 15.29 15.93 -20.76
CA GLU A 613 15.26 17.40 -20.90
C GLU A 613 14.03 17.97 -20.22
N LEU A 614 14.19 19.15 -19.66
CA LEU A 614 13.05 19.99 -19.21
C LEU A 614 12.63 20.90 -20.36
N ASN A 615 11.31 20.99 -20.60
CA ASN A 615 10.64 22.01 -21.45
C ASN A 615 10.22 23.19 -20.58
N ILE A 616 11.00 24.26 -20.51
CA ILE A 616 10.80 25.35 -19.51
C ILE A 616 9.49 26.11 -19.81
N LYS A 617 9.19 26.45 -21.06
CA LYS A 617 8.02 27.31 -21.41
C LYS A 617 6.67 26.58 -21.12
N SER A 618 6.64 25.25 -21.07
CA SER A 618 5.47 24.45 -20.59
C SER A 618 5.47 24.39 -19.05
N CYS A 619 6.63 24.58 -18.38
CA CYS A 619 6.76 24.53 -16.90
C CYS A 619 6.07 25.76 -16.32
N SER A 620 5.36 25.53 -15.21
CA SER A 620 4.27 26.40 -14.71
C SER A 620 4.12 26.08 -13.22
N PHE A 621 3.19 26.78 -12.57
CA PHE A 621 2.77 26.57 -11.16
C PHE A 621 1.26 26.74 -11.14
N PHE A 622 0.53 25.78 -10.58
CA PHE A 622 -0.94 25.91 -10.42
C PHE A 622 -1.22 26.89 -9.27
N SER A 623 -2.35 27.61 -9.36
CA SER A 623 -2.64 28.68 -8.38
C SER A 623 -3.36 28.08 -7.17
N SER A 624 -2.70 27.94 -6.05
CA SER A 624 -3.22 27.19 -4.89
C SER A 624 -2.42 27.58 -3.65
N ASN A 625 -2.97 27.39 -2.45
CA ASN A 625 -2.20 27.46 -1.17
C ASN A 625 -0.93 26.60 -1.29
N ALA A 626 -0.98 25.37 -1.86
CA ALA A 626 0.22 24.51 -2.05
C ALA A 626 1.12 25.08 -3.13
N MET A 627 0.57 25.85 -4.07
CA MET A 627 1.33 26.35 -5.26
C MET A 627 2.09 25.20 -5.96
N PRO A 628 1.42 24.10 -6.34
CA PRO A 628 2.12 22.94 -6.91
C PRO A 628 2.66 23.29 -8.31
N LEU A 629 3.76 22.63 -8.72
CA LEU A 629 4.40 22.97 -10.03
C LEU A 629 3.88 22.04 -11.12
N LYS A 630 3.80 22.53 -12.36
CA LYS A 630 3.48 21.67 -13.52
C LYS A 630 4.81 21.37 -14.22
N VAL A 631 5.43 20.25 -13.90
CA VAL A 631 6.76 19.93 -14.49
C VAL A 631 6.55 19.19 -15.83
N THR A 632 6.82 19.86 -16.95
CA THR A 632 6.69 19.23 -18.30
C THR A 632 8.08 18.83 -18.78
N MET A 633 8.20 17.59 -19.22
CA MET A 633 9.50 17.03 -19.67
C MET A 633 9.33 16.33 -21.03
N VAL A 634 10.40 16.32 -21.82
CA VAL A 634 10.57 15.73 -23.17
C VAL A 634 10.90 14.26 -22.99
N ASN A 635 10.22 13.38 -23.75
CA ASN A 635 10.46 11.92 -23.66
C ASN A 635 11.79 11.65 -24.38
N ALA A 636 12.60 10.71 -23.91
CA ALA A 636 13.90 10.40 -24.56
C ALA A 636 13.62 9.59 -25.83
N ASP A 637 12.50 8.86 -25.89
CA ASP A 637 11.96 8.14 -27.09
C ASP A 637 11.14 9.09 -27.96
N PRO A 638 11.59 9.43 -29.19
CA PRO A 638 10.83 10.30 -30.08
C PRO A 638 9.51 9.67 -30.52
N LEU A 639 9.30 8.36 -30.28
CA LEU A 639 8.01 7.64 -30.51
C LEU A 639 7.02 7.99 -29.40
N GLY A 640 7.52 8.57 -28.28
CA GLY A 640 6.77 8.89 -27.06
C GLY A 640 6.05 10.23 -27.11
N GLU A 641 5.11 10.46 -26.18
CA GLU A 641 4.50 11.79 -25.98
C GLU A 641 5.22 12.39 -24.77
N GLU A 642 5.11 13.71 -24.57
CA GLU A 642 5.87 14.42 -23.52
C GLU A 642 5.22 14.13 -22.16
N ILE A 643 5.97 14.42 -21.10
CA ILE A 643 5.71 13.98 -19.70
C ILE A 643 5.19 15.16 -18.87
N ASN A 644 4.05 14.96 -18.21
CA ASN A 644 3.40 15.99 -17.37
C ASN A 644 3.08 15.39 -16.00
N VAL A 645 3.67 16.01 -14.98
CA VAL A 645 3.47 15.69 -13.55
C VAL A 645 3.38 16.97 -12.74
N MET A 646 2.77 16.83 -11.59
CA MET A 646 2.64 17.87 -10.58
C MET A 646 3.65 17.51 -9.51
N PHE A 647 4.44 18.47 -9.09
CA PHE A 647 5.24 18.25 -7.86
C PHE A 647 4.71 19.20 -6.81
N LYS A 648 4.30 18.65 -5.65
CA LYS A 648 3.54 19.34 -4.59
C LYS A 648 4.36 19.22 -3.32
N VAL A 649 4.52 20.33 -2.63
CA VAL A 649 5.34 20.41 -1.38
C VAL A 649 4.46 20.95 -0.26
N GLY A 650 4.61 20.36 0.92
CA GLY A 650 3.99 20.91 2.15
C GLY A 650 2.62 20.32 2.44
N GLU A 651 2.29 19.16 1.86
CA GLU A 651 1.11 18.34 2.21
C GLU A 651 1.60 16.90 2.36
N ASP A 652 1.11 16.19 3.37
CA ASP A 652 1.50 14.77 3.54
C ASP A 652 0.62 13.98 2.57
N LEU A 653 1.23 13.41 1.55
CA LEU A 653 0.49 12.84 0.41
C LEU A 653 0.04 11.45 0.79
N ARG A 654 0.51 10.90 1.91
CA ARG A 654 0.42 9.43 2.13
C ARG A 654 -1.06 9.07 2.20
N GLN A 655 -1.91 10.01 2.63
CA GLN A 655 -3.32 9.66 2.80
C GLN A 655 -3.98 9.71 1.43
N ASP A 656 -3.78 10.79 0.68
CA ASP A 656 -4.12 10.84 -0.75
C ASP A 656 -3.73 9.48 -1.33
N MET A 657 -2.54 8.95 -1.06
CA MET A 657 -2.06 7.67 -1.67
C MET A 657 -3.00 6.52 -1.32
N LEU A 658 -3.60 6.58 -0.13
CA LEU A 658 -4.41 5.46 0.45
C LEU A 658 -5.82 5.47 -0.14
N ALA A 659 -6.43 6.64 -0.13
CA ALA A 659 -7.70 6.87 -0.84
C ALA A 659 -7.60 6.20 -2.22
N LEU A 660 -6.53 6.53 -2.95
CA LEU A 660 -6.34 6.16 -4.38
C LEU A 660 -6.27 4.65 -4.47
N GLN A 661 -5.50 4.07 -3.59
CA GLN A 661 -5.25 2.61 -3.59
C GLN A 661 -6.58 1.90 -3.32
N MET A 662 -7.36 2.39 -2.35
CA MET A 662 -8.62 1.73 -1.95
C MET A 662 -9.55 1.82 -3.16
N ILE A 663 -9.49 2.95 -3.90
CA ILE A 663 -10.39 3.20 -5.05
C ILE A 663 -10.00 2.22 -6.17
N LYS A 664 -8.68 2.10 -6.35
CA LYS A 664 -8.08 1.25 -7.40
C LYS A 664 -8.42 -0.21 -7.14
N ILE A 665 -8.42 -0.62 -5.88
CA ILE A 665 -8.81 -2.01 -5.45
C ILE A 665 -10.33 -2.19 -5.63
N MET A 666 -11.18 -1.18 -5.40
CA MET A 666 -12.63 -1.32 -5.74
C MET A 666 -12.74 -1.54 -7.27
N ASP A 667 -12.05 -0.72 -8.02
CA ASP A 667 -11.96 -0.93 -9.49
C ASP A 667 -11.68 -2.41 -9.72
N LYS A 668 -10.53 -2.96 -9.25
CA LYS A 668 -10.09 -4.35 -9.59
C LYS A 668 -11.17 -5.38 -9.22
N ILE A 669 -11.84 -5.17 -8.10
CA ILE A 669 -12.90 -6.09 -7.58
C ILE A 669 -14.05 -6.15 -8.59
N TRP A 670 -14.47 -4.98 -9.06
CA TRP A 670 -15.47 -4.77 -10.14
C TRP A 670 -14.98 -5.41 -11.44
N LEU A 671 -13.81 -5.06 -11.92
CA LEU A 671 -13.33 -5.68 -13.18
C LEU A 671 -13.42 -7.21 -13.00
N LYS A 672 -12.95 -7.76 -11.87
CA LYS A 672 -12.96 -9.23 -11.56
C LYS A 672 -14.33 -9.84 -11.91
N GLU A 673 -15.44 -9.21 -11.53
CA GLU A 673 -16.82 -9.73 -11.70
C GLU A 673 -17.42 -9.24 -13.03
N GLY A 674 -16.63 -8.60 -13.89
CA GLY A 674 -17.03 -8.16 -15.23
C GLY A 674 -17.77 -6.84 -15.24
N LEU A 675 -17.69 -6.05 -14.16
CA LEU A 675 -18.30 -4.69 -14.04
C LEU A 675 -17.24 -3.64 -14.30
N ASP A 676 -17.42 -2.81 -15.31
CA ASP A 676 -16.47 -1.75 -15.70
C ASP A 676 -17.17 -0.41 -15.56
N LEU A 677 -16.86 0.27 -14.47
CA LEU A 677 -17.38 1.61 -14.12
C LEU A 677 -16.47 2.73 -14.66
N ARG A 678 -15.54 2.42 -15.58
CA ARG A 678 -14.81 3.46 -16.32
C ARG A 678 -14.08 4.40 -15.36
N MET A 679 -13.39 3.87 -14.35
CA MET A 679 -12.89 4.77 -13.28
C MET A 679 -11.55 5.37 -13.71
N VAL A 680 -11.32 6.63 -13.37
CA VAL A 680 -10.02 7.32 -13.64
C VAL A 680 -9.10 6.88 -12.52
N ILE A 681 -8.00 6.21 -12.85
CA ILE A 681 -7.09 5.66 -11.82
C ILE A 681 -5.76 6.39 -11.92
N PHE A 682 -5.49 7.41 -11.11
CA PHE A 682 -4.23 8.20 -11.22
C PHE A 682 -3.26 7.97 -10.08
N ARG A 683 -1.98 8.10 -10.41
CA ARG A 683 -0.84 7.76 -9.50
C ARG A 683 -0.48 8.96 -8.64
N CYS A 684 0.04 8.69 -7.47
CA CYS A 684 0.56 9.69 -6.51
C CYS A 684 1.72 9.05 -5.74
N LEU A 685 2.87 9.72 -5.60
CA LEU A 685 4.07 9.13 -4.92
C LEU A 685 4.66 10.12 -3.94
N SER A 686 4.76 9.80 -2.64
CA SER A 686 5.40 10.73 -1.68
C SER A 686 6.91 10.45 -1.74
N THR A 687 7.68 11.48 -2.06
CA THR A 687 9.13 11.35 -2.36
C THR A 687 9.92 11.50 -1.05
N GLY A 688 9.53 12.43 -0.18
CA GLY A 688 9.90 12.41 1.24
C GLY A 688 8.71 12.64 2.14
N ARG A 689 8.90 13.51 3.11
CA ARG A 689 7.89 13.90 4.13
C ARG A 689 7.25 15.21 3.63
N ASP A 690 5.95 15.21 3.49
CA ASP A 690 5.14 16.40 3.09
C ASP A 690 5.50 16.89 1.67
N ARG A 691 6.01 16.00 0.80
CA ARG A 691 6.25 16.28 -0.63
C ARG A 691 6.13 15.00 -1.47
N GLY A 692 5.78 15.15 -2.74
CA GLY A 692 5.86 14.06 -3.74
C GLY A 692 5.38 14.49 -5.13
N MET A 693 5.35 13.53 -6.06
CA MET A 693 4.92 13.68 -7.49
C MET A 693 3.50 13.16 -7.66
N VAL A 694 2.70 13.81 -8.49
CA VAL A 694 1.27 13.42 -8.71
C VAL A 694 1.04 13.36 -10.22
N GLU A 695 0.45 12.28 -10.73
CA GLU A 695 -0.08 12.21 -12.12
C GLU A 695 -1.08 13.35 -12.36
N LEU A 696 -1.01 13.99 -13.53
CA LEU A 696 -1.99 14.97 -14.02
C LEU A 696 -2.92 14.30 -15.06
N VAL A 697 -4.20 14.43 -14.88
CA VAL A 697 -5.20 13.94 -15.85
C VAL A 697 -5.38 15.02 -16.92
N PRO A 698 -5.18 14.70 -18.21
CA PRO A 698 -5.37 15.68 -19.27
C PRO A 698 -6.85 16.03 -19.50
N ALA A 699 -7.07 17.22 -20.00
CA ALA A 699 -8.37 17.68 -20.53
C ALA A 699 -9.44 17.55 -19.46
N SER A 700 -9.07 17.73 -18.20
CA SER A 700 -9.99 17.71 -17.05
C SER A 700 -9.95 19.05 -16.33
N ASP A 701 -11.01 19.36 -15.61
CA ASP A 701 -11.33 20.64 -14.94
C ASP A 701 -12.17 20.32 -13.73
N THR A 702 -12.06 21.11 -12.68
CA THR A 702 -12.90 21.05 -11.46
C THR A 702 -14.36 21.34 -11.87
N LEU A 703 -15.34 20.77 -11.18
CA LEU A 703 -16.79 21.11 -11.32
C LEU A 703 -17.01 22.61 -11.18
N ARG A 704 -16.45 23.20 -10.12
CA ARG A 704 -16.58 24.64 -9.83
C ARG A 704 -16.34 25.33 -11.15
N LYS A 705 -15.17 25.09 -11.75
CA LYS A 705 -14.69 25.88 -12.92
C LYS A 705 -15.67 25.74 -14.10
N ILE A 706 -16.36 24.60 -14.23
CA ILE A 706 -17.39 24.39 -15.28
C ILE A 706 -18.54 25.34 -15.00
N GLN A 707 -19.09 25.28 -13.78
CA GLN A 707 -20.27 26.11 -13.39
C GLN A 707 -19.92 27.60 -13.60
N VAL A 708 -18.73 28.01 -13.20
CA VAL A 708 -18.27 29.42 -13.36
C VAL A 708 -18.33 29.78 -14.86
N GLU A 709 -17.65 28.98 -15.69
CA GLU A 709 -17.61 29.26 -17.15
C GLU A 709 -19.04 29.41 -17.70
N TYR A 710 -19.94 28.49 -17.35
CA TYR A 710 -21.36 28.56 -17.81
C TYR A 710 -22.05 29.79 -17.23
N GLY A 711 -21.73 30.18 -15.99
CA GLY A 711 -22.45 31.31 -15.35
C GLY A 711 -22.34 32.56 -16.20
N VAL A 712 -21.20 32.77 -16.86
CA VAL A 712 -20.99 33.96 -17.73
C VAL A 712 -22.04 33.96 -18.85
N THR A 713 -22.30 32.81 -19.51
CA THR A 713 -23.40 32.79 -20.53
C THR A 713 -24.43 31.75 -20.09
N GLY A 714 -25.63 32.27 -19.80
CA GLY A 714 -26.78 31.45 -19.40
C GLY A 714 -26.84 31.25 -17.89
N SER A 715 -28.05 31.06 -17.38
CA SER A 715 -28.36 30.96 -15.93
C SER A 715 -29.23 29.73 -15.67
N PHE A 716 -29.01 28.65 -16.44
CA PHE A 716 -29.66 27.34 -16.23
C PHE A 716 -28.71 26.43 -15.41
N LYS A 717 -29.13 26.07 -14.20
CA LYS A 717 -28.30 25.24 -13.29
C LYS A 717 -28.09 23.84 -13.87
N ASP A 718 -29.10 23.26 -14.50
CA ASP A 718 -29.01 21.92 -15.15
C ASP A 718 -28.06 21.89 -16.35
N LYS A 719 -27.99 22.98 -17.11
CA LYS A 719 -27.21 23.01 -18.39
C LYS A 719 -25.66 22.92 -18.29
N PRO A 720 -24.92 23.47 -17.30
CA PRO A 720 -23.46 23.57 -17.36
C PRO A 720 -22.63 22.30 -17.63
N LEU A 721 -22.87 21.22 -16.91
CA LEU A 721 -22.02 20.02 -17.14
C LEU A 721 -22.26 19.54 -18.57
N ALA A 722 -23.52 19.52 -19.01
CA ALA A 722 -23.88 19.05 -20.36
C ALA A 722 -23.25 19.94 -21.42
N GLU A 723 -23.32 21.26 -21.24
CA GLU A 723 -22.77 22.22 -22.24
C GLU A 723 -21.25 22.03 -22.38
N TRP A 724 -20.56 21.86 -21.25
CA TRP A 724 -19.10 21.64 -21.26
C TRP A 724 -18.80 20.37 -22.04
N LEU A 725 -19.57 19.32 -21.81
CA LEU A 725 -19.34 18.03 -22.50
C LEU A 725 -19.75 18.11 -23.98
N ARG A 726 -20.74 18.94 -24.32
CA ARG A 726 -21.17 19.11 -25.73
C ARG A 726 -20.03 19.84 -26.48
N LYS A 727 -19.35 20.77 -25.82
CA LYS A 727 -18.25 21.54 -26.44
C LYS A 727 -17.12 20.58 -26.86
N TYR A 728 -16.76 19.62 -26.01
CA TYR A 728 -15.65 18.69 -26.31
C TYR A 728 -16.16 17.44 -27.02
N ASN A 729 -17.48 17.24 -27.02
CA ASN A 729 -18.10 16.08 -27.74
C ASN A 729 -19.29 16.57 -28.55
N PRO A 730 -19.08 17.28 -29.69
CA PRO A 730 -20.18 17.87 -30.47
C PRO A 730 -21.17 16.87 -31.10
N SER A 731 -20.68 15.75 -31.63
CA SER A 731 -21.55 14.76 -32.32
C SER A 731 -22.55 14.21 -31.31
N GLU A 732 -23.77 13.92 -31.71
CA GLU A 732 -24.79 13.32 -30.81
C GLU A 732 -24.23 12.00 -30.26
N GLU A 733 -23.62 11.20 -31.13
CA GLU A 733 -22.99 9.92 -30.71
C GLU A 733 -21.90 10.24 -29.68
N GLU A 734 -21.07 11.25 -29.95
CA GLU A 734 -19.95 11.61 -29.08
C GLU A 734 -20.50 12.09 -27.72
N TYR A 735 -21.55 12.91 -27.73
CA TYR A 735 -22.14 13.40 -26.47
C TYR A 735 -22.71 12.21 -25.68
N GLU A 736 -23.36 11.30 -26.38
CA GLU A 736 -23.97 10.12 -25.72
C GLU A 736 -22.85 9.28 -25.10
N LYS A 737 -21.79 9.01 -25.85
CA LYS A 737 -20.68 8.15 -25.38
C LYS A 737 -20.14 8.79 -24.12
N ALA A 738 -20.19 10.12 -24.03
CA ALA A 738 -19.48 10.88 -22.97
C ALA A 738 -20.40 11.00 -21.78
N SER A 739 -21.71 11.20 -21.97
CA SER A 739 -22.62 11.21 -20.80
C SER A 739 -22.70 9.78 -20.21
N GLU A 740 -22.43 8.75 -20.98
CA GLU A 740 -22.53 7.36 -20.51
C GLU A 740 -21.29 7.09 -19.67
N ASN A 741 -20.13 7.51 -20.13
CA ASN A 741 -18.88 7.56 -19.31
C ASN A 741 -19.20 8.27 -17.98
N PHE A 742 -19.84 9.40 -18.02
CA PHE A 742 -20.27 10.06 -16.76
C PHE A 742 -21.18 9.12 -15.93
N ILE A 743 -22.23 8.51 -16.48
CA ILE A 743 -23.14 7.64 -15.67
C ILE A 743 -22.30 6.65 -14.87
N TYR A 744 -21.52 5.86 -15.57
CA TYR A 744 -20.70 4.74 -15.06
C TYR A 744 -19.71 5.26 -14.01
N SER A 745 -18.91 6.27 -14.33
CA SER A 745 -17.83 6.78 -13.44
C SER A 745 -18.46 7.48 -12.22
N CYS A 746 -19.56 8.19 -12.41
CA CYS A 746 -20.27 8.85 -11.28
C CYS A 746 -20.69 7.75 -10.32
N ALA A 747 -21.12 6.58 -10.81
CA ALA A 747 -21.68 5.51 -9.95
C ALA A 747 -20.56 4.99 -9.06
N GLY A 748 -19.43 4.63 -9.67
CA GLY A 748 -18.22 4.22 -8.92
C GLY A 748 -17.86 5.30 -7.90
N CYS A 749 -17.91 6.56 -8.31
CA CYS A 749 -17.46 7.64 -7.40
C CYS A 749 -18.39 7.65 -6.20
N CYS A 750 -19.70 7.63 -6.42
CA CYS A 750 -20.73 7.60 -5.34
C CYS A 750 -20.47 6.44 -4.37
N VAL A 751 -20.20 5.24 -4.86
CA VAL A 751 -20.01 4.05 -3.99
C VAL A 751 -18.76 4.30 -3.15
N ALA A 752 -17.65 4.67 -3.79
CA ALA A 752 -16.33 4.99 -3.16
C ALA A 752 -16.48 6.10 -2.09
N THR A 753 -17.19 7.17 -2.42
CA THR A 753 -17.44 8.28 -1.46
C THR A 753 -18.09 7.70 -0.19
N TYR A 754 -19.01 6.76 -0.27
CA TYR A 754 -19.82 6.37 0.92
C TYR A 754 -19.03 5.39 1.76
N VAL A 755 -18.37 4.44 1.13
CA VAL A 755 -17.64 3.37 1.87
C VAL A 755 -16.42 3.99 2.58
N LEU A 756 -15.66 4.83 1.88
CA LEU A 756 -14.39 5.36 2.41
C LEU A 756 -14.67 6.61 3.25
N GLY A 757 -15.89 7.09 3.24
CA GLY A 757 -16.23 8.24 4.11
C GLY A 757 -15.65 9.55 3.65
N ILE A 758 -15.45 9.71 2.36
CA ILE A 758 -14.96 11.00 1.78
C ILE A 758 -16.12 11.94 1.73
N CYS A 759 -16.48 12.62 2.81
CA CYS A 759 -17.73 13.42 2.96
C CYS A 759 -17.52 14.90 2.63
N ASP A 760 -16.32 15.23 2.11
CA ASP A 760 -15.73 16.58 1.94
C ASP A 760 -16.02 17.05 0.50
N ARG A 761 -16.78 16.28 -0.29
CA ARG A 761 -16.92 16.48 -1.75
C ARG A 761 -17.63 17.81 -2.02
N HIS A 762 -16.87 18.82 -2.47
CA HIS A 762 -17.54 20.01 -3.06
C HIS A 762 -17.09 20.21 -4.51
N ASN A 763 -17.45 21.35 -5.09
CA ASN A 763 -17.19 21.65 -6.52
C ASN A 763 -15.67 21.68 -6.80
N ASP A 764 -14.83 21.67 -5.79
CA ASP A 764 -13.37 21.74 -5.98
C ASP A 764 -12.75 20.34 -5.87
N ASN A 765 -13.39 19.46 -5.13
CA ASN A 765 -12.80 18.14 -4.81
C ASN A 765 -13.13 17.19 -5.96
N ILE A 766 -14.25 17.46 -6.64
CA ILE A 766 -14.79 16.60 -7.75
C ILE A 766 -14.21 17.06 -9.07
N MET A 767 -13.62 16.19 -9.87
CA MET A 767 -13.07 16.61 -11.21
C MET A 767 -13.79 15.90 -12.33
N LEU A 768 -13.65 16.39 -13.55
CA LEU A 768 -14.36 15.87 -14.75
C LEU A 768 -13.45 15.92 -15.97
N ARG A 769 -13.06 14.77 -16.50
CA ARG A 769 -12.31 14.61 -17.77
C ARG A 769 -13.22 14.92 -18.94
N SER A 770 -12.70 15.51 -20.01
CA SER A 770 -13.47 15.99 -21.20
C SER A 770 -14.20 14.85 -21.88
N THR A 771 -13.68 13.64 -21.75
CA THR A 771 -14.30 12.39 -22.27
C THR A 771 -15.56 12.03 -21.48
N GLY A 772 -15.88 12.72 -20.40
CA GLY A 772 -17.09 12.41 -19.61
C GLY A 772 -16.81 11.85 -18.22
N HIS A 773 -15.68 11.15 -18.02
CA HIS A 773 -15.29 10.49 -16.73
C HIS A 773 -15.18 11.52 -15.58
N MET A 774 -15.85 11.22 -14.47
CA MET A 774 -15.82 11.94 -13.18
C MET A 774 -14.81 11.23 -12.24
N PHE A 775 -14.20 12.00 -11.34
CA PHE A 775 -13.15 11.48 -10.40
C PHE A 775 -12.91 12.48 -9.27
N HIS A 776 -12.25 12.05 -8.20
CA HIS A 776 -11.92 12.95 -7.06
C HIS A 776 -10.42 13.25 -7.04
N ILE A 777 -10.05 14.44 -6.54
CA ILE A 777 -8.60 14.77 -6.41
C ILE A 777 -8.20 14.97 -4.95
N ASP A 778 -8.79 15.89 -4.21
CA ASP A 778 -8.26 16.21 -2.85
C ASP A 778 -9.01 15.37 -1.81
N PHE A 779 -8.44 14.25 -1.39
CA PHE A 779 -9.05 13.40 -0.35
C PHE A 779 -8.65 13.95 1.03
N GLY A 780 -9.06 15.17 1.35
CA GLY A 780 -8.72 15.79 2.64
C GLY A 780 -9.40 15.09 3.80
N LYS A 781 -10.68 14.79 3.65
CA LYS A 781 -11.47 14.14 4.73
C LYS A 781 -11.69 12.68 4.36
N PHE A 782 -11.19 11.76 5.16
CA PHE A 782 -11.12 10.32 4.82
C PHE A 782 -11.67 9.60 6.06
N LEU A 783 -12.55 8.61 5.84
CA LEU A 783 -13.22 7.86 6.93
C LEU A 783 -13.97 8.84 7.84
N GLY A 784 -14.50 9.93 7.28
CA GLY A 784 -15.13 11.00 8.09
C GLY A 784 -16.43 10.62 8.72
N HIS A 785 -16.74 11.11 9.92
CA HIS A 785 -18.07 10.89 10.56
C HIS A 785 -18.97 12.10 10.29
N ALA A 786 -20.19 12.12 10.84
CA ALA A 786 -21.19 13.19 10.65
C ALA A 786 -20.59 14.54 11.05
N ALA A 797 -26.96 12.87 3.68
CA ALA A 797 -26.53 12.44 2.32
C ALA A 797 -25.00 12.43 2.25
N PRO A 798 -24.31 11.27 2.09
CA PRO A 798 -22.85 11.30 2.03
C PRO A 798 -22.24 11.82 0.71
N PHE A 799 -22.91 11.51 -0.39
CA PHE A 799 -22.58 12.08 -1.72
C PHE A 799 -23.73 12.99 -2.09
N VAL A 800 -23.47 13.94 -2.98
CA VAL A 800 -24.51 14.88 -3.48
C VAL A 800 -24.40 14.76 -5.00
N LEU A 801 -25.57 14.52 -5.62
CA LEU A 801 -25.83 14.60 -7.06
C LEU A 801 -26.60 15.90 -7.31
N THR A 802 -25.97 16.90 -7.95
CA THR A 802 -26.60 18.22 -8.21
C THR A 802 -27.68 17.97 -9.28
N SER A 803 -28.37 19.01 -9.77
CA SER A 803 -29.43 18.90 -10.83
C SER A 803 -28.74 18.76 -12.22
N ASP A 804 -27.56 19.33 -12.41
CA ASP A 804 -26.84 19.29 -13.71
C ASP A 804 -26.14 17.96 -13.88
N MET A 805 -25.81 17.27 -12.78
CA MET A 805 -25.37 15.85 -12.79
C MET A 805 -26.52 14.98 -13.30
N ALA A 806 -27.68 15.14 -12.67
CA ALA A 806 -28.93 14.46 -13.03
C ALA A 806 -29.22 14.66 -14.52
N TYR A 807 -29.12 15.92 -15.00
CA TYR A 807 -29.46 16.24 -16.40
C TYR A 807 -28.59 15.33 -17.29
N VAL A 808 -27.32 15.13 -16.92
CA VAL A 808 -26.36 14.46 -17.81
C VAL A 808 -26.77 13.01 -17.86
N ILE A 809 -27.08 12.41 -16.71
CA ILE A 809 -27.43 10.96 -16.63
C ILE A 809 -28.77 10.75 -17.36
N ASN A 810 -29.78 11.54 -17.05
CA ASN A 810 -31.07 11.41 -17.73
C ASN A 810 -30.83 11.66 -19.23
N GLY A 811 -30.02 12.67 -19.54
CA GLY A 811 -29.91 13.33 -20.85
C GLY A 811 -31.17 14.09 -21.19
N GLY A 812 -31.74 14.80 -20.21
CA GLY A 812 -33.01 15.56 -20.29
C GLY A 812 -33.38 16.02 -18.90
N GLU A 813 -34.36 16.92 -18.74
CA GLU A 813 -34.73 17.38 -17.36
C GLU A 813 -35.76 16.44 -16.74
N LYS A 814 -36.37 15.51 -17.50
CA LYS A 814 -37.26 14.44 -16.94
C LYS A 814 -36.41 13.15 -16.82
N PRO A 815 -36.75 12.22 -15.90
CA PRO A 815 -35.97 11.00 -15.77
C PRO A 815 -36.22 9.95 -16.86
N THR A 816 -35.21 9.15 -17.12
CA THR A 816 -35.16 8.15 -18.19
C THR A 816 -34.63 6.85 -17.58
N ILE A 817 -34.59 5.80 -18.39
CA ILE A 817 -34.06 4.49 -17.96
C ILE A 817 -32.55 4.60 -17.77
N ARG A 818 -31.93 5.68 -18.24
CA ARG A 818 -30.52 5.94 -17.94
C ARG A 818 -30.36 6.22 -16.44
N PHE A 819 -31.35 6.81 -15.77
CA PHE A 819 -31.26 7.00 -14.31
C PHE A 819 -31.40 5.63 -13.66
N GLN A 820 -32.24 4.76 -14.24
CA GLN A 820 -32.42 3.40 -13.69
C GLN A 820 -31.08 2.66 -13.90
N LEU A 821 -30.41 2.84 -15.05
CA LEU A 821 -29.08 2.20 -15.26
C LEU A 821 -28.09 2.72 -14.19
N PHE A 822 -28.15 4.00 -13.84
CA PHE A 822 -27.25 4.60 -12.83
C PHE A 822 -27.46 3.94 -11.48
N VAL A 823 -28.72 3.69 -11.07
CA VAL A 823 -28.94 3.15 -9.70
C VAL A 823 -28.51 1.68 -9.69
N ASP A 824 -28.94 0.90 -10.69
CA ASP A 824 -28.50 -0.53 -10.84
C ASP A 824 -26.96 -0.62 -10.67
N LEU A 825 -26.22 0.28 -11.33
CA LEU A 825 -24.74 0.18 -11.36
C LEU A 825 -24.24 0.45 -9.95
N CYS A 826 -24.74 1.51 -9.29
CA CYS A 826 -24.37 1.86 -7.90
C CYS A 826 -24.53 0.62 -6.97
N CYS A 827 -25.73 0.03 -6.91
CA CYS A 827 -26.12 -1.10 -6.04
C CYS A 827 -25.29 -2.36 -6.36
N GLN A 828 -25.25 -2.80 -7.63
CA GLN A 828 -24.44 -3.96 -8.08
C GLN A 828 -23.04 -3.76 -7.50
N ALA A 829 -22.37 -2.64 -7.86
CA ALA A 829 -20.97 -2.33 -7.48
C ALA A 829 -20.81 -2.35 -5.95
N TYR A 830 -21.75 -1.76 -5.22
CA TYR A 830 -21.81 -1.76 -3.74
C TYR A 830 -21.76 -3.20 -3.22
N ASN A 831 -22.72 -4.05 -3.61
CA ASN A 831 -22.75 -5.47 -3.16
C ASN A 831 -21.37 -6.09 -3.47
N LEU A 832 -20.75 -5.78 -4.61
CA LEU A 832 -19.52 -6.49 -5.01
C LEU A 832 -18.38 -6.10 -4.05
N ILE A 833 -18.47 -4.91 -3.44
CA ILE A 833 -17.52 -4.42 -2.41
C ILE A 833 -17.90 -5.08 -1.08
N ARG A 834 -19.17 -5.08 -0.69
CA ARG A 834 -19.63 -5.83 0.54
C ARG A 834 -19.12 -7.29 0.52
N LYS A 835 -19.21 -8.02 -0.60
CA LYS A 835 -18.64 -9.40 -0.70
C LYS A 835 -17.13 -9.40 -0.37
N GLN A 836 -16.39 -8.28 -0.42
CA GLN A 836 -14.95 -8.25 -0.07
C GLN A 836 -14.70 -7.41 1.18
N THR A 837 -15.70 -7.32 2.09
CA THR A 837 -15.61 -6.48 3.32
C THR A 837 -14.33 -6.76 4.11
N ASN A 838 -13.97 -8.04 4.20
CA ASN A 838 -12.83 -8.47 5.01
C ASN A 838 -11.52 -7.98 4.37
N LEU A 839 -11.44 -7.87 3.04
CA LEU A 839 -10.21 -7.37 2.39
C LEU A 839 -10.01 -5.89 2.74
N PHE A 840 -11.06 -5.11 2.67
CA PHE A 840 -10.97 -3.66 2.92
C PHE A 840 -10.58 -3.44 4.37
N LEU A 841 -11.06 -4.27 5.30
CA LEU A 841 -10.75 -4.06 6.73
C LEU A 841 -9.28 -4.39 6.97
N ASN A 842 -8.78 -5.49 6.42
CA ASN A 842 -7.38 -5.91 6.62
C ASN A 842 -6.43 -4.87 6.00
N LEU A 843 -6.84 -4.26 4.90
CA LEU A 843 -5.95 -3.35 4.15
C LEU A 843 -5.90 -2.02 4.89
N LEU A 844 -6.97 -1.70 5.63
CA LEU A 844 -6.99 -0.41 6.38
C LEU A 844 -6.37 -0.63 7.77
N SER A 845 -6.50 -1.82 8.39
CA SER A 845 -5.85 -2.12 9.68
C SER A 845 -4.33 -2.07 9.50
N LEU A 846 -3.82 -2.75 8.50
CA LEU A 846 -2.37 -2.80 8.22
C LEU A 846 -1.80 -1.40 7.98
N MET A 847 -2.61 -0.37 7.77
CA MET A 847 -2.08 1.01 7.54
C MET A 847 -2.16 1.86 8.82
N ILE A 848 -2.79 1.33 9.86
CA ILE A 848 -2.89 2.02 11.19
C ILE A 848 -1.49 2.46 11.68
N PRO A 849 -0.47 1.54 11.77
CA PRO A 849 0.87 1.88 12.29
C PRO A 849 1.65 2.91 11.46
N SER A 850 1.02 3.35 10.38
CA SER A 850 1.62 4.25 9.39
C SER A 850 1.51 5.69 9.94
N GLY A 851 0.61 5.91 10.89
CA GLY A 851 0.40 7.23 11.54
C GLY A 851 -0.29 8.27 10.68
N LEU A 852 -1.17 7.89 9.76
CA LEU A 852 -2.07 8.86 9.04
C LEU A 852 -3.14 9.35 10.01
N PRO A 853 -3.47 10.66 10.04
CA PRO A 853 -4.17 11.25 11.18
C PRO A 853 -5.52 10.60 11.54
N GLU A 854 -6.37 10.23 10.55
CA GLU A 854 -7.78 9.80 10.84
C GLU A 854 -7.88 8.27 10.69
N LEU A 855 -6.75 7.57 10.62
CA LEU A 855 -6.67 6.09 10.73
C LEU A 855 -5.64 5.74 11.81
N THR A 856 -6.14 5.62 13.05
CA THR A 856 -5.35 5.53 14.30
C THR A 856 -5.75 4.33 15.19
N SER A 857 -7.02 3.90 15.17
CA SER A 857 -7.50 2.78 16.01
C SER A 857 -8.39 1.85 15.18
N ILE A 858 -8.61 0.68 15.74
CA ILE A 858 -9.54 -0.40 15.31
C ILE A 858 -10.99 0.15 15.36
N GLN A 859 -11.25 1.28 15.98
CA GLN A 859 -12.58 1.95 15.86
C GLN A 859 -12.74 2.57 14.48
N ASP A 860 -11.67 3.09 13.88
CA ASP A 860 -11.75 3.84 12.60
C ASP A 860 -12.27 2.88 11.54
N LEU A 861 -11.80 1.63 11.57
CA LEU A 861 -12.29 0.50 10.70
C LEU A 861 -13.80 0.30 10.87
N LYS A 862 -14.35 0.41 12.08
CA LYS A 862 -15.77 0.03 12.29
C LYS A 862 -16.70 0.92 11.47
N TYR A 863 -16.34 2.18 11.27
CA TYR A 863 -17.16 3.11 10.46
C TYR A 863 -17.31 2.50 9.06
N VAL A 864 -16.22 1.98 8.47
CA VAL A 864 -16.14 1.42 7.08
C VAL A 864 -16.97 0.15 7.00
N ARG A 865 -16.81 -0.72 7.99
CA ARG A 865 -17.62 -1.95 8.17
C ARG A 865 -19.09 -1.57 8.36
N ASP A 866 -19.36 -0.50 9.09
CA ASP A 866 -20.75 -0.02 9.31
C ASP A 866 -21.32 0.39 7.95
N ALA A 867 -20.53 1.16 7.18
CA ALA A 867 -20.94 1.67 5.87
C ALA A 867 -21.21 0.49 4.95
N LEU A 868 -20.49 -0.62 5.13
CA LEU A 868 -20.54 -1.81 4.22
C LEU A 868 -21.63 -2.80 4.65
N GLN A 869 -22.26 -2.59 5.80
CA GLN A 869 -23.52 -3.27 6.23
C GLN A 869 -23.52 -4.74 5.85
N PRO A 870 -22.73 -5.59 6.56
CA PRO A 870 -22.49 -6.98 6.14
C PRO A 870 -23.44 -8.09 6.64
N GLN A 871 -24.24 -7.79 7.67
CA GLN A 871 -25.30 -8.70 8.19
C GLN A 871 -26.40 -8.92 7.12
N THR A 872 -26.68 -7.92 6.27
CA THR A 872 -27.89 -7.83 5.40
C THR A 872 -27.68 -8.49 4.04
N THR A 873 -28.78 -8.85 3.39
CA THR A 873 -28.77 -9.51 2.07
C THR A 873 -28.38 -8.47 1.02
N ASP A 874 -27.95 -8.88 -0.17
CA ASP A 874 -27.79 -7.95 -1.31
C ASP A 874 -29.14 -7.25 -1.54
N ALA A 875 -30.24 -7.97 -1.34
CA ALA A 875 -31.61 -7.43 -1.54
C ALA A 875 -31.81 -6.19 -0.65
N GLU A 876 -31.48 -6.22 0.64
CA GLU A 876 -31.84 -5.09 1.54
C GLU A 876 -30.74 -4.00 1.48
N ALA A 877 -29.52 -4.35 1.06
CA ALA A 877 -28.40 -3.41 0.78
C ALA A 877 -28.77 -2.53 -0.42
N THR A 878 -29.38 -3.14 -1.44
CA THR A 878 -29.83 -2.46 -2.68
C THR A 878 -30.88 -1.41 -2.28
N ILE A 879 -31.80 -1.75 -1.38
CA ILE A 879 -32.83 -0.79 -0.88
C ILE A 879 -32.10 0.32 -0.13
N PHE A 880 -31.08 -0.04 0.65
CA PHE A 880 -30.36 0.89 1.54
C PHE A 880 -29.68 1.97 0.69
N PHE A 881 -28.98 1.56 -0.40
CA PHE A 881 -28.14 2.45 -1.25
C PHE A 881 -29.03 3.31 -2.13
N THR A 882 -30.07 2.71 -2.70
CA THR A 882 -31.13 3.42 -3.46
C THR A 882 -31.69 4.55 -2.58
N ARG A 883 -31.80 4.39 -1.26
CA ARG A 883 -32.37 5.47 -0.41
C ARG A 883 -31.34 6.58 -0.25
N LEU A 884 -30.05 6.21 -0.23
CA LEU A 884 -28.92 7.19 -0.18
C LEU A 884 -28.99 8.08 -1.42
N ILE A 885 -29.20 7.45 -2.57
CA ILE A 885 -29.34 8.19 -3.85
C ILE A 885 -30.57 9.10 -3.76
N GLU A 886 -31.71 8.65 -3.28
CA GLU A 886 -32.88 9.56 -3.16
C GLU A 886 -32.49 10.73 -2.28
N SER A 887 -31.75 10.47 -1.19
CA SER A 887 -31.37 11.48 -0.17
C SER A 887 -30.43 12.50 -0.78
N SER A 888 -29.52 12.05 -1.66
CA SER A 888 -28.44 12.89 -2.23
C SER A 888 -29.00 13.93 -3.19
N LEU A 889 -29.98 13.51 -4.00
CA LEU A 889 -30.78 14.37 -4.91
C LEU A 889 -31.46 15.51 -4.14
N GLY A 890 -31.59 15.42 -2.83
CA GLY A 890 -32.12 16.52 -2.01
C GLY A 890 -33.53 16.86 -2.44
N SER A 891 -33.73 18.05 -3.01
CA SER A 891 -35.09 18.62 -3.28
C SER A 891 -35.61 18.12 -4.63
N ILE A 892 -34.74 17.89 -5.63
CA ILE A 892 -35.16 17.42 -6.99
C ILE A 892 -35.53 15.93 -6.95
N ALA A 893 -35.21 15.22 -5.86
CA ALA A 893 -35.61 13.81 -5.61
C ALA A 893 -37.10 13.60 -5.93
N THR A 894 -37.95 14.60 -5.69
CA THR A 894 -39.41 14.52 -5.89
C THR A 894 -39.72 14.29 -7.38
N LYS A 895 -38.88 14.75 -8.31
CA LYS A 895 -39.10 14.61 -9.78
C LYS A 895 -39.10 13.13 -10.21
N PHE A 896 -38.45 12.24 -9.44
CA PHE A 896 -38.17 10.81 -9.75
C PHE A 896 -39.19 9.90 -9.05
N ASN A 897 -39.13 8.58 -9.28
CA ASN A 897 -40.02 7.57 -8.64
C ASN A 897 -39.20 6.43 -8.00
N PHE A 898 -39.36 6.24 -6.68
CA PHE A 898 -38.58 5.28 -5.85
C PHE A 898 -39.55 4.32 -5.10
C10 IG3 B . -1.32 16.34 -19.07
C20 IG3 B . -5.66 19.19 -12.34
C22 IG3 B . -5.44 16.81 -11.93
C24 IG3 B . -5.06 14.53 -11.45
C28 IG3 B . -5.08 18.53 -10.11
C01 IG3 B . -0.88 12.65 -24.52
S02 IG3 B . -0.06 13.97 -23.52
O03 IG3 B . 1.15 13.61 -22.73
O04 IG3 B . 0.49 14.99 -24.43
N05 IG3 B . -1.19 14.73 -22.49
C06 IG3 B . -1.01 14.91 -21.04
C07 IG3 B . -0.44 13.86 -20.31
C08 IG3 B . -0.30 14.02 -18.97
C09 IG3 B . -0.74 15.23 -18.40
C11 IG3 B . -1.74 17.54 -18.34
C12 IG3 B . -1.06 18.78 -18.35
S13 IG3 B . -1.91 19.90 -17.28
C14 IG3 B . -3.11 18.70 -16.84
N15 IG3 B . -4.23 18.95 -15.90
C16 IG3 B . -5.51 19.62 -16.25
O17 IG3 B . -5.81 19.97 -17.38
C18 IG3 B . -6.58 19.87 -15.14
S19 IG3 B . -6.04 20.60 -13.50
N21 IG3 B . -5.69 17.84 -12.80
N23 IG3 B . -5.38 15.52 -12.32
C25 IG3 B . -4.81 14.80 -10.11
N26 IG3 B . -4.85 16.07 -9.71
C27 IG3 B . -5.13 17.10 -10.59
O29 IG3 B . -4.80 18.82 -8.93
N30 IG3 B . -5.38 19.50 -11.01
C31 IG3 B . -5.38 20.91 -10.55
C32 IG3 B . -6.72 21.35 -9.99
C33 IG3 B . -6.70 22.88 -9.86
C34 IG3 B . -7.69 23.64 -10.51
C35 IG3 B . -7.72 25.03 -10.42
C36 IG3 B . -6.72 25.65 -9.67
C37 IG3 B . -5.73 24.88 -9.02
C38 IG3 B . -5.71 23.49 -9.11
N39 IG3 B . -2.80 17.57 -17.51
C40 IG3 B . -1.44 16.13 -20.46
C1 EDO C . 1.84 9.40 -16.77
O1 EDO C . 1.34 8.90 -15.51
C2 EDO C . 2.37 10.80 -16.66
O2 EDO C . 1.57 11.68 -15.83
S SO4 D . -5.91 -23.69 29.75
O1 SO4 D . -6.54 -24.68 30.60
O2 SO4 D . -5.64 -22.49 30.51
O3 SO4 D . -4.66 -24.27 29.31
O4 SO4 D . -6.77 -23.31 28.59
#